data_6BL1
#
_entry.id   6BL1
#
_cell.length_a   98.610
_cell.length_b   273.806
_cell.length_c   114.786
_cell.angle_alpha   90.00
_cell.angle_beta   90.00
_cell.angle_gamma   90.00
#
_symmetry.space_group_name_H-M   'C 2 2 21'
#
loop_
_entity.id
_entity.type
_entity.pdbx_description
1 polymer 'Isocitrate dehydrogenase [NADP] cytoplasmic'
2 non-polymer 'ISOCITRIC ACID'
3 non-polymer (6aS,7S,9S,10aS)-7-methyl-8-oxo-10a-phenyl-2-(phenylamino)-5,6,6a,7,8,9,10,10a-octahydrobenzo[h]quinazoline-9-carbonitrile
4 non-polymer 'CALCIUM ION'
5 water water
#
_entity_poly.entity_id   1
_entity_poly.type   'polypeptide(L)'
_entity_poly.pdbx_seq_one_letter_code
;MSKKISGGSVVEMQGDEMTRIIWELIKEKLIFPYVELDLHSYDLGIENRDATNDQVTKDAAEAIKKHNVGVKCATITPDE
KRVEEFKLKQMWKSPNGTIRNILGGTVFREAIICKNIPRLVSGWVKPIIIGRHAYGDQYRATDFVVPGPGKVEITYTPSD
GTQKVTYLVHNFEEGGGVAMGMYNQDKSIEDFAHSSFQMALSKGWPLYLSTKNTILKKYDGRFKDIFQEIYDKQYKSQFE
AQKIWYEHRLIDDMVAQAMKSEGGFIWACKNYDGDVQSDSVAQGYGSLGMMTSVLVCPDGKTVEAEAAHGTVTRHYRMYQ
KGQETSTNPIASIFAWTRGLAHRAKLDNNKELAFFANALEEVSIETIEAGFMTKDLAACIKGLPNVQRSDYLNTFEFMDK
LGENLKIKLAQAKLSLEHHHHHHHH
;
_entity_poly.pdbx_strand_id   B,C,A
#
# COMPACT_ATOMS: atom_id res chain seq x y z
N LYS A 3 -28.97 4.08 -26.58
CA LYS A 3 -28.56 3.64 -25.24
C LYS A 3 -27.08 3.27 -25.17
N LYS A 4 -26.43 3.72 -24.09
CA LYS A 4 -25.01 3.45 -23.81
C LYS A 4 -24.90 2.07 -23.14
N ILE A 5 -23.67 1.51 -23.04
CA ILE A 5 -23.39 0.23 -22.39
C ILE A 5 -23.62 0.44 -20.88
N SER A 6 -24.27 -0.53 -20.22
CA SER A 6 -24.52 -0.50 -18.78
C SER A 6 -23.23 -0.99 -18.12
N GLY A 7 -22.38 -0.05 -17.71
CA GLY A 7 -21.06 -0.34 -17.14
C GLY A 7 -20.95 -0.78 -15.69
N GLY A 8 -21.91 -0.46 -14.85
CA GLY A 8 -21.87 -0.84 -13.43
C GLY A 8 -21.08 0.10 -12.54
N SER A 9 -20.66 -0.39 -11.35
CA SER A 9 -19.98 0.41 -10.32
C SER A 9 -18.48 0.45 -10.44
N VAL A 10 -17.92 1.66 -10.55
CA VAL A 10 -16.48 1.86 -10.65
C VAL A 10 -16.05 3.00 -9.73
N VAL A 11 -14.92 2.82 -9.00
CA VAL A 11 -14.35 3.87 -8.16
C VAL A 11 -13.33 4.63 -9.00
N GLU A 12 -13.49 5.97 -9.17
CA GLU A 12 -12.50 6.77 -9.87
C GLU A 12 -11.82 7.71 -8.92
N MET A 13 -10.50 7.79 -9.04
CA MET A 13 -9.75 8.71 -8.20
C MET A 13 -9.15 9.77 -9.10
N GLN A 14 -9.67 11.00 -9.00
CA GLN A 14 -9.17 12.15 -9.79
C GLN A 14 -7.82 12.54 -9.21
N GLY A 15 -6.94 13.06 -10.07
CA GLY A 15 -5.57 13.39 -9.69
C GLY A 15 -5.15 14.81 -9.90
N ASP A 16 -3.85 14.98 -10.24
CA ASP A 16 -3.21 16.27 -10.36
C ASP A 16 -2.62 16.65 -11.70
N GLU A 17 -2.46 17.98 -11.86
CA GLU A 17 -1.80 18.71 -12.93
C GLU A 17 -2.22 18.25 -14.35
N MET A 18 -1.26 17.93 -15.25
CA MET A 18 -1.54 17.53 -16.63
C MET A 18 -2.41 16.28 -16.72
N THR A 19 -2.07 15.23 -15.94
CA THR A 19 -2.88 14.00 -15.93
C THR A 19 -4.34 14.28 -15.52
N ARG A 20 -4.59 15.30 -14.69
CA ARG A 20 -5.94 15.71 -14.26
C ARG A 20 -6.72 16.25 -15.48
N ILE A 21 -6.06 17.07 -16.32
CA ILE A 21 -6.64 17.63 -17.55
C ILE A 21 -7.00 16.48 -18.52
N ILE A 22 -6.04 15.59 -18.79
CA ILE A 22 -6.16 14.43 -19.68
C ILE A 22 -7.28 13.47 -19.21
N TRP A 23 -7.39 13.24 -17.89
CA TRP A 23 -8.39 12.38 -17.26
C TRP A 23 -9.80 12.84 -17.62
N GLU A 24 -10.09 14.16 -17.48
CA GLU A 24 -11.41 14.70 -17.85
C GLU A 24 -11.68 14.58 -19.36
N LEU A 25 -10.62 14.70 -20.20
CA LEU A 25 -10.74 14.54 -21.64
C LEU A 25 -11.09 13.11 -22.05
N ILE A 26 -10.46 12.11 -21.39
CA ILE A 26 -10.70 10.67 -21.60
C ILE A 26 -12.16 10.34 -21.28
N LYS A 27 -12.66 10.80 -20.12
CA LYS A 27 -14.05 10.54 -19.72
C LYS A 27 -15.04 11.17 -20.72
N GLU A 28 -14.84 12.45 -21.06
CA GLU A 28 -15.74 13.19 -21.95
C GLU A 28 -15.74 12.70 -23.40
N LYS A 29 -14.57 12.35 -23.96
CA LYS A 29 -14.45 11.94 -25.36
C LYS A 29 -14.49 10.43 -25.62
N LEU A 30 -14.00 9.60 -24.67
CA LEU A 30 -13.91 8.16 -24.93
C LEU A 30 -14.79 7.26 -24.07
N ILE A 31 -15.10 7.65 -22.84
CA ILE A 31 -15.85 6.77 -21.94
C ILE A 31 -17.33 7.12 -21.89
N PHE A 32 -17.65 8.33 -21.40
CA PHE A 32 -19.02 8.80 -21.19
C PHE A 32 -19.91 8.75 -22.46
N PRO A 33 -19.44 9.02 -23.71
CA PRO A 33 -20.37 8.91 -24.86
C PRO A 33 -20.86 7.49 -25.12
N TYR A 34 -20.15 6.48 -24.61
CA TYR A 34 -20.47 5.07 -24.87
C TYR A 34 -20.86 4.22 -23.69
N VAL A 35 -20.39 4.59 -22.48
CA VAL A 35 -20.64 3.79 -21.27
C VAL A 35 -21.36 4.62 -20.23
N GLU A 36 -22.33 4.00 -19.56
CA GLU A 36 -23.07 4.61 -18.46
C GLU A 36 -22.59 3.88 -17.24
N LEU A 37 -22.09 4.60 -16.25
CA LEU A 37 -21.54 4.00 -15.05
C LEU A 37 -22.14 4.54 -13.77
N ASP A 38 -22.10 3.70 -12.72
CA ASP A 38 -22.36 4.08 -11.35
C ASP A 38 -20.94 4.47 -10.85
N LEU A 39 -20.56 5.71 -11.15
CA LEU A 39 -19.25 6.25 -10.85
C LEU A 39 -19.15 6.81 -9.44
N HIS A 40 -18.27 6.21 -8.62
CA HIS A 40 -17.98 6.62 -7.24
C HIS A 40 -16.70 7.43 -7.35
N SER A 41 -16.85 8.76 -7.40
CA SER A 41 -15.76 9.68 -7.64
C SER A 41 -15.16 10.25 -6.38
N TYR A 42 -13.82 10.16 -6.26
CA TYR A 42 -13.02 10.67 -5.16
C TYR A 42 -12.00 11.61 -5.73
N ASP A 43 -11.94 12.83 -5.21
CA ASP A 43 -10.99 13.79 -5.72
C ASP A 43 -9.71 13.66 -4.91
N LEU A 44 -8.69 13.04 -5.53
CA LEU A 44 -7.41 12.87 -4.85
C LEU A 44 -6.42 13.93 -5.31
N GLY A 45 -6.94 15.04 -5.82
CA GLY A 45 -6.15 16.21 -6.16
C GLY A 45 -5.56 16.73 -4.87
N ILE A 46 -4.34 17.26 -4.93
CA ILE A 46 -3.59 17.71 -3.74
C ILE A 46 -4.40 18.68 -2.83
N GLU A 47 -5.18 19.61 -3.41
CA GLU A 47 -5.97 20.59 -2.66
C GLU A 47 -7.07 19.92 -1.86
N ASN A 48 -7.76 18.92 -2.46
CA ASN A 48 -8.81 18.20 -1.76
C ASN A 48 -8.26 17.25 -0.69
N ARG A 49 -7.05 16.67 -0.90
CA ARG A 49 -6.37 15.84 0.12
C ARG A 49 -5.99 16.74 1.30
N ASP A 50 -5.49 17.95 1.02
CA ASP A 50 -5.15 18.91 2.07
C ASP A 50 -6.43 19.31 2.83
N ALA A 51 -7.52 19.62 2.09
CA ALA A 51 -8.82 20.03 2.66
C ALA A 51 -9.49 18.95 3.55
N THR A 52 -9.28 17.67 3.23
CA THR A 52 -9.88 16.58 4.01
C THR A 52 -8.89 15.93 4.99
N ASN A 53 -7.66 16.47 5.10
CA ASN A 53 -6.58 15.93 5.95
C ASN A 53 -6.24 14.49 5.54
N ASP A 54 -6.22 14.27 4.21
CA ASP A 54 -5.92 13.03 3.50
C ASP A 54 -6.97 11.94 3.70
N GLN A 55 -8.12 12.26 4.33
CA GLN A 55 -9.21 11.31 4.58
C GLN A 55 -9.85 10.76 3.28
N VAL A 56 -9.89 11.59 2.22
CA VAL A 56 -10.46 11.20 0.92
C VAL A 56 -9.74 9.93 0.35
N THR A 57 -8.40 9.84 0.55
CA THR A 57 -7.54 8.73 0.09
C THR A 57 -7.98 7.42 0.74
N LYS A 58 -8.13 7.45 2.08
CA LYS A 58 -8.61 6.31 2.88
C LYS A 58 -10.04 5.94 2.47
N ASP A 59 -10.90 6.95 2.26
CA ASP A 59 -12.28 6.73 1.79
C ASP A 59 -12.29 6.02 0.43
N ALA A 60 -11.42 6.45 -0.50
CA ALA A 60 -11.33 5.83 -1.84
C ALA A 60 -10.87 4.37 -1.73
N ALA A 61 -9.87 4.07 -0.87
CA ALA A 61 -9.40 2.69 -0.69
C ALA A 61 -10.51 1.77 -0.19
N GLU A 62 -11.30 2.24 0.81
CA GLU A 62 -12.46 1.52 1.34
C GLU A 62 -13.52 1.33 0.25
N ALA A 63 -13.75 2.34 -0.61
CA ALA A 63 -14.71 2.18 -1.71
C ALA A 63 -14.22 1.08 -2.71
N ILE A 64 -12.88 0.99 -2.98
CA ILE A 64 -12.32 -0.06 -3.85
C ILE A 64 -12.65 -1.46 -3.27
N LYS A 65 -12.49 -1.66 -1.94
CA LYS A 65 -12.83 -2.91 -1.25
C LYS A 65 -14.29 -3.31 -1.46
N LYS A 66 -15.18 -2.31 -1.40
CA LYS A 66 -16.61 -2.50 -1.56
C LYS A 66 -17.03 -2.84 -2.99
N HIS A 67 -16.54 -2.07 -4.00
CA HIS A 67 -16.97 -2.22 -5.40
C HIS A 67 -16.02 -3.01 -6.32
N ASN A 68 -14.84 -3.44 -5.80
CA ASN A 68 -13.83 -4.31 -6.43
C ASN A 68 -13.06 -3.74 -7.65
N VAL A 69 -13.37 -2.50 -8.10
CA VAL A 69 -12.61 -1.96 -9.23
C VAL A 69 -12.40 -0.45 -9.03
N GLY A 70 -11.13 -0.08 -9.09
CA GLY A 70 -10.69 1.30 -8.95
C GLY A 70 -9.91 1.73 -10.18
N VAL A 71 -10.08 2.98 -10.61
CA VAL A 71 -9.33 3.56 -11.73
C VAL A 71 -8.72 4.85 -11.19
N LYS A 72 -7.38 4.89 -11.16
CA LYS A 72 -6.70 6.02 -10.54
C LYS A 72 -5.85 6.84 -11.48
N CYS A 73 -5.98 8.18 -11.36
CA CYS A 73 -5.23 9.22 -12.05
C CYS A 73 -3.97 9.47 -11.24
N ALA A 74 -2.89 9.87 -11.92
CA ALA A 74 -1.61 10.19 -11.27
C ALA A 74 -1.76 11.40 -10.31
N THR A 75 -1.18 11.28 -9.10
CA THR A 75 -1.25 12.30 -8.05
C THR A 75 0.13 12.80 -7.63
N ILE A 76 0.18 13.99 -7.02
CA ILE A 76 1.40 14.58 -6.44
C ILE A 76 1.63 13.94 -5.04
N THR A 77 2.87 13.44 -4.78
CA THR A 77 3.28 12.97 -3.43
C THR A 77 4.11 14.16 -2.92
N PRO A 78 3.60 14.97 -1.99
CA PRO A 78 4.32 16.19 -1.61
C PRO A 78 5.60 16.04 -0.79
N ASP A 79 6.53 16.95 -1.07
CA ASP A 79 7.79 17.15 -0.38
C ASP A 79 7.82 18.65 0.02
N GLU A 80 8.94 19.14 0.59
CA GLU A 80 9.07 20.54 1.03
C GLU A 80 8.63 21.58 -0.02
N LYS A 81 9.04 21.41 -1.28
CA LYS A 81 8.69 22.31 -2.40
C LYS A 81 7.17 22.35 -2.67
N ARG A 82 6.52 21.19 -2.63
CA ARG A 82 5.08 21.07 -2.85
C ARG A 82 4.29 21.67 -1.68
N VAL A 83 4.83 21.54 -0.45
CA VAL A 83 4.23 22.10 0.77
C VAL A 83 4.27 23.63 0.64
N GLU A 84 5.42 24.19 0.19
CA GLU A 84 5.57 25.64 -0.05
C GLU A 84 4.63 26.12 -1.15
N GLU A 85 4.54 25.36 -2.26
CA GLU A 85 3.73 25.64 -3.45
C GLU A 85 2.22 25.71 -3.19
N PHE A 86 1.66 24.73 -2.47
CA PHE A 86 0.21 24.65 -2.21
C PHE A 86 -0.24 25.10 -0.81
N LYS A 87 0.71 25.55 0.04
CA LYS A 87 0.49 26.01 1.44
C LYS A 87 -0.17 24.88 2.24
N LEU A 88 0.35 23.64 2.04
CA LEU A 88 -0.15 22.41 2.67
C LEU A 88 -0.01 22.42 4.19
N LYS A 89 -1.00 21.84 4.88
CA LYS A 89 -1.06 21.71 6.34
C LYS A 89 0.02 20.72 6.80
N GLN A 90 0.29 19.70 5.97
CA GLN A 90 1.28 18.67 6.24
C GLN A 90 1.93 18.16 4.96
N MET A 91 3.04 17.44 5.11
CA MET A 91 3.72 16.80 3.99
C MET A 91 3.04 15.44 3.84
N TRP A 92 1.86 15.42 3.21
CA TRP A 92 1.05 14.22 3.04
C TRP A 92 1.81 13.05 2.42
N LYS A 93 1.53 11.86 2.91
CA LYS A 93 2.12 10.63 2.44
C LYS A 93 1.55 10.31 1.07
N SER A 94 2.28 9.53 0.27
CA SER A 94 1.85 9.11 -1.06
C SER A 94 0.46 8.45 -1.00
N PRO A 95 -0.49 8.93 -1.84
CA PRO A 95 -1.82 8.30 -1.88
C PRO A 95 -1.78 6.87 -2.37
N ASN A 96 -0.84 6.55 -3.31
CA ASN A 96 -0.67 5.19 -3.83
C ASN A 96 -0.23 4.25 -2.72
N GLY A 97 0.71 4.70 -1.90
CA GLY A 97 1.22 3.99 -0.72
C GLY A 97 0.11 3.70 0.27
N THR A 98 -0.75 4.70 0.53
CA THR A 98 -1.89 4.56 1.44
C THR A 98 -2.87 3.52 0.93
N ILE A 99 -3.25 3.62 -0.36
CA ILE A 99 -4.19 2.72 -1.02
C ILE A 99 -3.62 1.32 -1.07
N ARG A 100 -2.38 1.16 -1.55
CA ARG A 100 -1.72 -0.14 -1.65
C ARG A 100 -1.60 -0.82 -0.29
N ASN A 101 -1.26 -0.07 0.77
CA ASN A 101 -1.08 -0.70 2.07
CA ASN A 101 -1.15 -0.54 2.16
C ASN A 101 -2.46 -1.10 2.69
N ILE A 102 -3.59 -0.49 2.27
CA ILE A 102 -4.93 -0.91 2.73
C ILE A 102 -5.39 -2.13 1.91
N LEU A 103 -5.18 -2.09 0.59
CA LEU A 103 -5.65 -3.15 -0.28
C LEU A 103 -4.75 -4.37 -0.32
N GLY A 104 -3.44 -4.14 -0.27
CA GLY A 104 -2.41 -5.18 -0.39
C GLY A 104 -2.37 -5.75 -1.79
N GLY A 105 -1.52 -6.74 -1.99
CA GLY A 105 -1.43 -7.42 -3.28
C GLY A 105 -0.15 -7.20 -4.06
N THR A 106 -0.26 -7.37 -5.39
CA THR A 106 0.85 -7.27 -6.36
C THR A 106 0.42 -6.35 -7.48
N VAL A 107 1.32 -5.43 -7.86
CA VAL A 107 1.09 -4.48 -8.94
C VAL A 107 1.80 -5.05 -10.18
N PHE A 108 1.02 -5.49 -11.17
CA PHE A 108 1.51 -6.05 -12.43
C PHE A 108 1.69 -4.96 -13.48
N ARG A 109 2.95 -4.77 -13.92
CA ARG A 109 3.36 -3.75 -14.88
C ARG A 109 3.95 -4.35 -16.14
N GLU A 110 3.49 -3.84 -17.30
CA GLU A 110 3.87 -4.32 -18.62
C GLU A 110 3.81 -3.18 -19.61
N ALA A 111 4.74 -3.18 -20.58
CA ALA A 111 4.78 -2.13 -21.60
C ALA A 111 3.58 -2.22 -22.55
N ILE A 112 3.13 -1.05 -23.08
CA ILE A 112 2.08 -1.00 -24.10
C ILE A 112 2.91 -0.95 -25.40
N ILE A 113 2.83 -2.02 -26.23
CA ILE A 113 3.64 -2.20 -27.46
C ILE A 113 2.97 -1.69 -28.77
N CYS A 114 3.69 -0.78 -29.48
CA CYS A 114 3.36 -0.26 -30.81
C CYS A 114 4.58 -0.62 -31.71
N LYS A 115 4.31 -1.38 -32.79
CA LYS A 115 5.31 -1.85 -33.77
C LYS A 115 6.21 -0.76 -34.39
N ASN A 116 5.68 0.48 -34.54
CA ASN A 116 6.44 1.59 -35.12
C ASN A 116 7.35 2.32 -34.12
N ILE A 117 7.27 1.97 -32.82
CA ILE A 117 8.08 2.61 -31.78
C ILE A 117 9.37 1.78 -31.54
N PRO A 118 10.56 2.43 -31.59
CA PRO A 118 11.79 1.66 -31.37
C PRO A 118 12.12 1.45 -29.89
N ARG A 119 12.52 0.22 -29.55
CA ARG A 119 12.98 -0.11 -28.20
C ARG A 119 14.38 0.44 -28.05
N LEU A 120 14.72 0.92 -26.84
CA LEU A 120 16.06 1.39 -26.50
C LEU A 120 16.95 0.15 -26.22
N VAL A 121 16.31 -1.00 -25.95
CA VAL A 121 16.97 -2.29 -25.71
C VAL A 121 16.59 -3.19 -26.88
N SER A 122 17.53 -3.35 -27.82
CA SER A 122 17.39 -4.15 -29.04
C SER A 122 16.87 -5.58 -28.83
N GLY A 123 17.41 -6.28 -27.84
CA GLY A 123 17.05 -7.67 -27.60
C GLY A 123 15.65 -8.03 -27.14
N TRP A 124 14.91 -7.08 -26.55
CA TRP A 124 13.58 -7.36 -25.96
C TRP A 124 12.45 -7.58 -27.00
N VAL A 125 12.46 -8.78 -27.61
CA VAL A 125 11.49 -9.20 -28.63
C VAL A 125 10.24 -9.80 -27.99
N LYS A 126 10.36 -10.25 -26.73
CA LYS A 126 9.25 -10.82 -25.96
C LYS A 126 8.94 -9.91 -24.74
N PRO A 127 7.67 -9.87 -24.21
CA PRO A 127 7.38 -8.96 -23.10
C PRO A 127 7.94 -9.34 -21.71
N ILE A 128 8.30 -8.31 -20.92
CA ILE A 128 8.73 -8.46 -19.53
C ILE A 128 7.57 -7.98 -18.64
N ILE A 129 7.04 -8.87 -17.79
CA ILE A 129 5.98 -8.50 -16.86
C ILE A 129 6.53 -8.41 -15.44
N ILE A 130 6.54 -7.19 -14.86
CA ILE A 130 6.98 -6.97 -13.48
C ILE A 130 5.79 -7.15 -12.52
N GLY A 131 5.99 -8.01 -11.53
CA GLY A 131 5.05 -8.27 -10.44
C GLY A 131 5.61 -7.60 -9.19
N ARG A 132 5.24 -6.34 -8.95
CA ARG A 132 5.71 -5.54 -7.83
C ARG A 132 4.93 -5.86 -6.55
N HIS A 133 5.63 -6.29 -5.48
CA HIS A 133 4.96 -6.51 -4.18
C HIS A 133 4.43 -5.14 -3.72
N ALA A 134 3.11 -5.02 -3.55
CA ALA A 134 2.47 -3.74 -3.24
C ALA A 134 2.50 -3.29 -1.78
N TYR A 135 2.97 -4.13 -0.87
CA TYR A 135 2.93 -3.86 0.56
C TYR A 135 4.29 -3.72 1.26
N GLY A 136 4.33 -2.82 2.24
CA GLY A 136 5.44 -2.63 3.17
C GLY A 136 6.78 -2.15 2.65
N ASP A 137 7.83 -2.59 3.32
CA ASP A 137 9.20 -2.16 3.09
C ASP A 137 9.29 -0.62 3.17
N GLN A 138 9.95 0.05 2.20
CA GLN A 138 10.13 1.50 2.20
C GLN A 138 8.83 2.30 2.20
N TYR A 139 7.73 1.73 1.70
CA TYR A 139 6.44 2.42 1.55
C TYR A 139 5.58 2.44 2.81
N ARG A 140 6.09 1.85 3.91
CA ARG A 140 5.42 1.88 5.21
C ARG A 140 6.46 1.89 6.31
N ALA A 141 7.56 2.55 6.05
CA ALA A 141 8.71 2.61 6.93
C ALA A 141 8.66 3.80 7.91
N THR A 142 9.46 3.73 8.96
CA THR A 142 9.55 4.85 9.90
C THR A 142 10.94 5.38 9.83
N ASP A 143 11.11 6.60 9.27
CA ASP A 143 12.43 7.23 9.11
C ASP A 143 12.48 8.55 9.84
N PHE A 144 13.66 8.88 10.33
CA PHE A 144 13.86 10.09 11.12
C PHE A 144 15.29 10.52 11.03
N VAL A 145 15.51 11.81 11.32
CA VAL A 145 16.82 12.42 11.40
C VAL A 145 17.35 12.14 12.82
N VAL A 146 18.63 11.86 12.91
CA VAL A 146 19.32 11.61 14.18
C VAL A 146 20.07 12.94 14.42
N PRO A 147 19.58 13.76 15.39
CA PRO A 147 20.12 15.12 15.53
C PRO A 147 21.56 15.25 16.02
N GLY A 148 22.04 14.27 16.77
CA GLY A 148 23.38 14.27 17.28
C GLY A 148 23.79 12.94 17.89
N PRO A 149 24.91 12.89 18.63
CA PRO A 149 25.36 11.62 19.20
C PRO A 149 24.33 10.91 20.08
N GLY A 150 24.37 9.59 20.04
CA GLY A 150 23.48 8.70 20.79
C GLY A 150 23.26 7.36 20.12
N LYS A 151 22.50 6.46 20.76
CA LYS A 151 22.25 5.13 20.24
C LYS A 151 20.90 5.00 19.58
N VAL A 152 20.87 4.30 18.43
CA VAL A 152 19.63 3.93 17.74
C VAL A 152 19.59 2.42 17.92
N GLU A 153 18.47 1.93 18.44
CA GLU A 153 18.24 0.51 18.72
C GLU A 153 16.93 0.10 18.14
N ILE A 154 16.85 -1.18 17.78
CA ILE A 154 15.64 -1.79 17.27
C ILE A 154 15.24 -2.95 18.21
N THR A 155 13.97 -2.99 18.61
CA THR A 155 13.50 -3.99 19.58
C THR A 155 12.26 -4.73 19.12
N TYR A 156 12.18 -6.01 19.50
CA TYR A 156 11.02 -6.85 19.25
C TYR A 156 10.49 -7.30 20.59
N THR A 157 9.20 -7.12 20.84
CA THR A 157 8.53 -7.53 22.06
C THR A 157 7.36 -8.47 21.69
N PRO A 158 7.51 -9.80 21.85
CA PRO A 158 6.41 -10.70 21.51
C PRO A 158 5.21 -10.43 22.42
N SER A 159 4.00 -10.48 21.87
CA SER A 159 2.80 -10.28 22.68
C SER A 159 2.56 -11.53 23.57
N ASP A 160 3.00 -12.72 23.08
CA ASP A 160 2.88 -14.05 23.67
C ASP A 160 4.03 -14.90 23.07
N GLY A 161 5.26 -14.64 23.48
CA GLY A 161 6.40 -15.33 22.88
C GLY A 161 7.61 -15.58 23.73
N THR A 162 8.39 -16.60 23.28
CA THR A 162 9.60 -17.18 23.87
C THR A 162 10.44 -16.12 24.58
N GLN A 163 10.80 -14.99 23.89
CA GLN A 163 11.55 -13.89 24.52
C GLN A 163 11.82 -12.67 23.62
N LYS A 164 11.77 -11.47 24.26
CA LYS A 164 12.02 -10.17 23.64
CA LYS A 164 12.03 -10.16 23.66
C LYS A 164 13.53 -9.95 23.35
N VAL A 165 13.86 -9.04 22.41
CA VAL A 165 15.26 -8.80 22.05
C VAL A 165 15.51 -7.35 21.60
N THR A 166 16.69 -6.83 21.94
CA THR A 166 17.11 -5.49 21.55
C THR A 166 18.39 -5.59 20.76
N TYR A 167 18.44 -4.93 19.59
CA TYR A 167 19.65 -4.91 18.78
C TYR A 167 20.11 -3.49 18.58
N LEU A 168 21.42 -3.26 18.65
CA LEU A 168 21.97 -1.95 18.36
C LEU A 168 22.00 -1.80 16.83
N VAL A 169 21.41 -0.72 16.31
CA VAL A 169 21.44 -0.40 14.88
C VAL A 169 22.74 0.39 14.67
N HIS A 170 22.96 1.44 15.52
CA HIS A 170 24.18 2.26 15.43
C HIS A 170 24.32 3.16 16.63
N ASN A 171 25.55 3.28 17.11
CA ASN A 171 25.93 4.20 18.13
C ASN A 171 26.61 5.37 17.38
N PHE A 172 25.91 6.52 17.27
CA PHE A 172 26.41 7.72 16.62
C PHE A 172 27.34 8.35 17.65
N GLU A 173 28.65 8.34 17.37
CA GLU A 173 29.64 8.84 18.33
C GLU A 173 29.97 10.31 18.13
N GLU A 174 29.98 10.75 16.87
CA GLU A 174 30.24 12.14 16.55
C GLU A 174 29.20 12.56 15.53
N GLY A 175 28.51 13.66 15.81
CA GLY A 175 27.47 14.18 14.92
C GLY A 175 26.27 13.26 14.78
N GLY A 176 25.36 13.64 13.90
CA GLY A 176 24.13 12.91 13.65
C GLY A 176 24.06 12.28 12.29
N GLY A 177 22.85 12.03 11.85
CA GLY A 177 22.57 11.39 10.58
C GLY A 177 21.11 11.08 10.44
N VAL A 178 20.81 9.87 9.96
CA VAL A 178 19.46 9.40 9.67
C VAL A 178 19.32 7.93 10.05
N ALA A 179 18.11 7.51 10.42
CA ALA A 179 17.84 6.11 10.70
C ALA A 179 16.45 5.78 10.26
N MET A 180 16.18 4.49 10.07
CA MET A 180 14.87 4.02 9.68
C MET A 180 14.64 2.57 10.07
N GLY A 181 13.39 2.27 10.33
CA GLY A 181 12.93 0.94 10.60
C GLY A 181 11.91 0.61 9.54
N MET A 182 11.94 -0.61 9.03
CA MET A 182 10.94 -1.06 8.07
C MET A 182 10.66 -2.52 8.33
N TYR A 183 9.59 -3.02 7.75
CA TYR A 183 9.12 -4.37 7.96
C TYR A 183 8.32 -4.91 6.78
N ASN A 184 8.03 -6.21 6.85
CA ASN A 184 7.08 -6.88 5.96
C ASN A 184 6.39 -8.00 6.74
N GLN A 185 5.33 -8.56 6.19
CA GLN A 185 4.52 -9.57 6.88
C GLN A 185 4.56 -10.87 6.11
N ASP A 186 4.59 -12.03 6.81
CA ASP A 186 4.57 -13.36 6.17
C ASP A 186 3.37 -13.56 5.23
N LYS A 187 2.15 -13.25 5.70
CA LYS A 187 0.91 -13.37 4.94
C LYS A 187 0.95 -12.61 3.59
N SER A 188 1.45 -11.36 3.64
CA SER A 188 1.60 -10.50 2.48
C SER A 188 2.65 -11.08 1.50
N ILE A 189 3.76 -11.64 2.02
CA ILE A 189 4.80 -12.24 1.18
C ILE A 189 4.23 -13.51 0.52
N GLU A 190 3.45 -14.34 1.27
CA GLU A 190 2.83 -15.56 0.73
C GLU A 190 1.85 -15.20 -0.40
N ASP A 191 1.04 -14.11 -0.23
CA ASP A 191 0.09 -13.65 -1.24
C ASP A 191 0.87 -13.19 -2.49
N PHE A 192 2.00 -12.49 -2.27
CA PHE A 192 2.91 -12.04 -3.32
C PHE A 192 3.46 -13.26 -4.09
N ALA A 193 3.84 -14.33 -3.37
CA ALA A 193 4.37 -15.57 -3.98
C ALA A 193 3.30 -16.25 -4.89
N HIS A 194 2.10 -16.53 -4.33
CA HIS A 194 0.99 -17.14 -5.08
C HIS A 194 0.61 -16.33 -6.32
N SER A 195 0.51 -14.98 -6.20
CA SER A 195 0.16 -14.11 -7.34
C SER A 195 1.20 -14.22 -8.46
N SER A 196 2.49 -14.30 -8.07
CA SER A 196 3.63 -14.42 -8.99
C SER A 196 3.59 -15.76 -9.72
N PHE A 197 3.43 -16.88 -8.99
CA PHE A 197 3.36 -18.22 -9.59
C PHE A 197 2.18 -18.35 -10.57
N GLN A 198 0.99 -17.86 -10.16
CA GLN A 198 -0.22 -17.87 -10.98
C GLN A 198 -0.11 -17.01 -12.24
N MET A 199 0.61 -15.87 -12.19
CA MET A 199 0.80 -15.01 -13.34
C MET A 199 1.67 -15.75 -14.39
N ALA A 200 2.78 -16.37 -13.93
CA ALA A 200 3.70 -17.13 -14.77
C ALA A 200 2.99 -18.31 -15.43
N LEU A 201 2.15 -19.04 -14.69
CA LEU A 201 1.37 -20.16 -15.24
C LEU A 201 0.30 -19.71 -16.25
N SER A 202 -0.32 -18.53 -16.05
CA SER A 202 -1.34 -18.01 -16.95
C SER A 202 -0.73 -17.48 -18.26
N LYS A 203 0.47 -16.86 -18.18
CA LYS A 203 1.19 -16.32 -19.33
C LYS A 203 2.05 -17.38 -20.07
N GLY A 204 2.42 -18.43 -19.36
CA GLY A 204 3.25 -19.51 -19.88
C GLY A 204 4.71 -19.11 -20.00
N TRP A 205 5.21 -18.32 -19.03
CA TRP A 205 6.58 -17.84 -19.01
C TRP A 205 7.30 -18.19 -17.72
N PRO A 206 8.64 -18.32 -17.70
CA PRO A 206 9.32 -18.57 -16.43
C PRO A 206 9.25 -17.36 -15.48
N LEU A 207 9.46 -17.62 -14.19
CA LEU A 207 9.42 -16.62 -13.14
C LEU A 207 10.76 -16.46 -12.42
N TYR A 208 11.15 -15.19 -12.21
CA TYR A 208 12.31 -14.79 -11.44
C TYR A 208 11.92 -13.87 -10.28
N LEU A 209 12.49 -14.13 -9.09
CA LEU A 209 12.33 -13.31 -7.91
C LEU A 209 13.68 -12.72 -7.63
N SER A 210 13.75 -11.38 -7.54
CA SER A 210 15.00 -10.73 -7.20
C SER A 210 15.01 -10.30 -5.74
N THR A 211 16.16 -10.48 -5.06
CA THR A 211 16.38 -10.03 -3.66
C THR A 211 17.87 -9.72 -3.50
N LYS A 212 18.23 -9.21 -2.32
CA LYS A 212 19.64 -8.99 -1.94
C LYS A 212 19.90 -9.81 -0.64
N ASN A 213 19.53 -11.11 -0.70
CA ASN A 213 19.63 -12.05 0.44
C ASN A 213 21.07 -12.34 0.88
N THR A 214 22.06 -11.99 0.07
CA THR A 214 23.47 -12.11 0.49
C THR A 214 23.83 -11.02 1.52
N ILE A 215 23.09 -9.88 1.47
CA ILE A 215 23.29 -8.70 2.36
C ILE A 215 22.24 -8.70 3.48
N LEU A 216 20.95 -8.79 3.11
CA LEU A 216 19.87 -8.82 4.09
C LEU A 216 19.50 -10.28 4.23
N LYS A 217 20.35 -11.02 4.96
CA LYS A 217 20.24 -12.47 5.11
C LYS A 217 18.92 -12.91 5.70
N LYS A 218 18.39 -12.16 6.69
CA LYS A 218 17.12 -12.54 7.32
C LYS A 218 15.92 -11.97 6.62
N TYR A 219 15.95 -10.65 6.35
CA TYR A 219 14.84 -9.93 5.72
C TYR A 219 14.56 -10.47 4.30
N ASP A 220 15.52 -10.40 3.39
CA ASP A 220 15.36 -10.91 2.03
C ASP A 220 15.37 -12.43 1.95
N GLY A 221 16.09 -13.08 2.86
CA GLY A 221 16.09 -14.53 2.97
C GLY A 221 14.71 -15.10 3.19
N ARG A 222 13.85 -14.38 3.93
CA ARG A 222 12.46 -14.80 4.17
C ARG A 222 11.65 -14.77 2.88
N PHE A 223 11.83 -13.74 2.01
CA PHE A 223 11.14 -13.69 0.70
C PHE A 223 11.56 -14.93 -0.11
N LYS A 224 12.88 -15.20 -0.19
CA LYS A 224 13.46 -16.35 -0.88
C LYS A 224 12.92 -17.69 -0.32
N ASP A 225 12.83 -17.83 1.03
CA ASP A 225 12.35 -19.05 1.66
C ASP A 225 10.88 -19.30 1.40
N ILE A 226 10.05 -18.24 1.52
CA ILE A 226 8.61 -18.32 1.30
C ILE A 226 8.30 -18.72 -0.17
N PHE A 227 8.97 -18.08 -1.13
CA PHE A 227 8.79 -18.39 -2.56
C PHE A 227 9.14 -19.84 -2.89
N GLN A 228 10.31 -20.30 -2.41
CA GLN A 228 10.79 -21.67 -2.62
C GLN A 228 9.85 -22.73 -2.04
N GLU A 229 9.37 -22.53 -0.79
CA GLU A 229 8.46 -23.46 -0.11
C GLU A 229 7.11 -23.55 -0.83
N ILE A 230 6.54 -22.41 -1.26
CA ILE A 230 5.27 -22.40 -1.99
C ILE A 230 5.45 -23.08 -3.36
N TYR A 231 6.56 -22.80 -4.07
CA TYR A 231 6.88 -23.42 -5.36
C TYR A 231 6.98 -24.95 -5.24
N ASP A 232 7.87 -25.45 -4.34
CA ASP A 232 8.12 -26.88 -4.12
C ASP A 232 6.87 -27.70 -3.79
N LYS A 233 5.98 -27.15 -2.98
CA LYS A 233 4.77 -27.83 -2.53
C LYS A 233 3.52 -27.63 -3.39
N GLN A 234 3.35 -26.47 -4.06
CA GLN A 234 2.12 -26.16 -4.78
C GLN A 234 2.21 -25.83 -6.28
N TYR A 235 3.38 -25.50 -6.82
CA TYR A 235 3.44 -25.09 -8.22
C TYR A 235 4.48 -25.78 -9.11
N LYS A 236 5.53 -26.42 -8.54
CA LYS A 236 6.65 -27.03 -9.29
C LYS A 236 6.19 -27.91 -10.48
N SER A 237 5.42 -28.98 -10.21
CA SER A 237 4.91 -29.90 -11.24
C SER A 237 4.15 -29.17 -12.37
N GLN A 238 3.31 -28.17 -12.02
CA GLN A 238 2.56 -27.35 -12.98
C GLN A 238 3.51 -26.54 -13.87
N PHE A 239 4.63 -26.03 -13.30
CA PHE A 239 5.64 -25.26 -14.04
C PHE A 239 6.41 -26.19 -14.99
N GLU A 240 6.64 -27.45 -14.56
CA GLU A 240 7.35 -28.47 -15.34
C GLU A 240 6.50 -28.90 -16.53
N ALA A 241 5.19 -29.06 -16.32
CA ALA A 241 4.20 -29.44 -17.34
C ALA A 241 4.18 -28.42 -18.49
N GLN A 242 4.30 -27.11 -18.16
CA GLN A 242 4.33 -26.02 -19.14
C GLN A 242 5.75 -25.74 -19.64
N LYS A 243 6.75 -26.51 -19.17
CA LYS A 243 8.17 -26.39 -19.54
C LYS A 243 8.77 -25.01 -19.16
N ILE A 244 8.26 -24.43 -18.05
CA ILE A 244 8.73 -23.17 -17.48
C ILE A 244 9.37 -23.44 -16.11
N TRP A 245 9.98 -22.42 -15.50
CA TRP A 245 10.64 -22.62 -14.21
C TRP A 245 10.57 -21.38 -13.34
N TYR A 246 10.87 -21.57 -12.04
CA TYR A 246 11.00 -20.48 -11.10
C TYR A 246 12.43 -20.46 -10.56
N GLU A 247 13.10 -19.31 -10.62
CA GLU A 247 14.43 -19.15 -10.02
C GLU A 247 14.58 -17.82 -9.26
N HIS A 248 15.37 -17.86 -8.18
CA HIS A 248 15.77 -16.70 -7.39
C HIS A 248 17.05 -16.18 -7.99
N ARG A 249 17.16 -14.87 -8.08
CA ARG A 249 18.33 -14.18 -8.58
C ARG A 249 18.65 -13.06 -7.64
N LEU A 250 19.93 -12.70 -7.50
CA LEU A 250 20.29 -11.51 -6.74
C LEU A 250 19.90 -10.35 -7.65
N ILE A 251 19.32 -9.28 -7.08
CA ILE A 251 18.83 -8.12 -7.84
C ILE A 251 19.86 -7.53 -8.83
N ASP A 252 21.15 -7.41 -8.41
CA ASP A 252 22.19 -6.86 -9.27
C ASP A 252 22.53 -7.83 -10.42
N ASP A 253 22.37 -9.15 -10.19
CA ASP A 253 22.54 -10.13 -11.25
C ASP A 253 21.33 -10.07 -12.19
N MET A 254 20.12 -9.92 -11.59
CA MET A 254 18.86 -9.89 -12.31
C MET A 254 18.73 -8.69 -13.28
N VAL A 255 19.12 -7.46 -12.86
CA VAL A 255 18.98 -6.31 -13.77
C VAL A 255 19.88 -6.47 -15.03
N ALA A 256 21.06 -7.12 -14.88
CA ALA A 256 21.97 -7.37 -15.99
C ALA A 256 21.46 -8.51 -16.86
N GLN A 257 20.93 -9.60 -16.27
CA GLN A 257 20.33 -10.73 -16.99
C GLN A 257 19.12 -10.22 -17.83
N ALA A 258 18.22 -9.44 -17.20
CA ALA A 258 17.04 -8.86 -17.86
C ALA A 258 17.48 -8.03 -19.07
N MET A 259 18.49 -7.15 -18.87
CA MET A 259 19.09 -6.27 -19.86
C MET A 259 19.56 -7.02 -21.12
N LYS A 260 20.27 -8.16 -20.96
CA LYS A 260 20.78 -8.92 -22.12
C LYS A 260 19.85 -10.02 -22.61
N SER A 261 18.67 -10.17 -21.98
CA SER A 261 17.75 -11.21 -22.39
C SER A 261 16.92 -10.79 -23.61
N GLU A 262 16.02 -11.66 -24.03
CA GLU A 262 15.09 -11.38 -25.12
C GLU A 262 13.67 -11.11 -24.59
N GLY A 263 13.53 -11.02 -23.26
CA GLY A 263 12.26 -10.82 -22.57
C GLY A 263 11.56 -12.15 -22.42
N GLY A 264 10.25 -12.13 -22.19
CA GLY A 264 9.46 -13.35 -22.07
C GLY A 264 9.54 -14.05 -20.74
N PHE A 265 9.37 -13.29 -19.65
CA PHE A 265 9.39 -13.80 -18.29
C PHE A 265 8.62 -12.86 -17.35
N ILE A 266 8.25 -13.39 -16.18
CA ILE A 266 7.61 -12.68 -15.08
C ILE A 266 8.73 -12.36 -14.09
N TRP A 267 8.83 -11.09 -13.66
CA TRP A 267 9.83 -10.63 -12.72
C TRP A 267 9.15 -10.15 -11.42
N ALA A 268 9.16 -11.02 -10.40
CA ALA A 268 8.64 -10.73 -9.06
C ALA A 268 9.69 -9.86 -8.38
N CYS A 269 9.29 -8.63 -8.08
CA CYS A 269 10.11 -7.59 -7.48
C CYS A 269 9.57 -7.24 -6.12
N LYS A 270 10.46 -6.91 -5.19
CA LYS A 270 10.07 -6.36 -3.89
C LYS A 270 9.59 -4.93 -4.19
N ASN A 271 8.79 -4.37 -3.29
CA ASN A 271 8.15 -3.04 -3.43
C ASN A 271 9.03 -1.98 -4.10
N TYR A 272 10.19 -1.67 -3.52
CA TYR A 272 11.13 -0.68 -4.03
C TYR A 272 11.67 -1.02 -5.43
N ASP A 273 12.13 -2.28 -5.61
CA ASP A 273 12.67 -2.70 -6.92
C ASP A 273 11.61 -2.65 -8.02
N GLY A 274 10.38 -3.04 -7.68
CA GLY A 274 9.23 -3.01 -8.59
C GLY A 274 8.97 -1.60 -9.09
N ASP A 275 9.13 -0.61 -8.18
CA ASP A 275 8.99 0.80 -8.51
C ASP A 275 10.08 1.24 -9.50
N VAL A 276 11.35 1.05 -9.11
CA VAL A 276 12.53 1.45 -9.89
C VAL A 276 12.64 0.70 -11.23
N GLN A 277 12.54 -0.63 -11.19
CA GLN A 277 12.74 -1.47 -12.37
C GLN A 277 11.60 -1.35 -13.36
N SER A 278 10.35 -1.09 -12.90
CA SER A 278 9.23 -0.92 -13.83
C SER A 278 9.43 0.30 -14.75
N ASP A 279 10.02 1.38 -14.24
CA ASP A 279 10.33 2.56 -15.03
C ASP A 279 11.50 2.33 -16.01
N SER A 280 12.48 1.48 -15.61
CA SER A 280 13.61 1.12 -16.46
C SER A 280 13.12 0.27 -17.64
N VAL A 281 12.27 -0.73 -17.36
CA VAL A 281 11.68 -1.65 -18.34
C VAL A 281 10.73 -0.88 -19.31
N ALA A 282 9.92 0.07 -18.79
CA ALA A 282 9.00 0.87 -19.61
C ALA A 282 9.82 1.71 -20.58
N GLN A 283 10.89 2.37 -20.07
CA GLN A 283 11.76 3.18 -20.91
C GLN A 283 12.50 2.35 -21.97
N GLY A 284 12.98 1.17 -21.59
CA GLY A 284 13.66 0.25 -22.48
C GLY A 284 12.81 -0.19 -23.66
N TYR A 285 11.49 -0.37 -23.44
CA TYR A 285 10.57 -0.72 -24.52
C TYR A 285 10.17 0.48 -25.41
N GLY A 286 10.48 1.71 -24.98
CA GLY A 286 10.21 2.90 -25.77
C GLY A 286 9.82 4.14 -25.04
N SER A 287 8.82 4.04 -24.13
CA SER A 287 8.30 5.18 -23.38
C SER A 287 7.70 4.81 -22.02
N LEU A 288 7.87 5.74 -21.05
CA LEU A 288 7.26 5.66 -19.70
C LEU A 288 5.75 5.75 -19.79
N GLY A 289 5.26 6.55 -20.75
CA GLY A 289 3.83 6.73 -20.99
C GLY A 289 3.17 5.56 -21.68
N MET A 290 3.94 4.48 -21.93
CA MET A 290 3.43 3.29 -22.61
C MET A 290 3.57 2.08 -21.70
N MET A 291 2.89 2.12 -20.56
CA MET A 291 2.92 1.04 -19.57
C MET A 291 1.58 0.93 -18.80
N THR A 292 1.08 -0.30 -18.63
CA THR A 292 -0.08 -0.63 -17.79
C THR A 292 0.40 -0.95 -16.37
N SER A 293 -0.49 -0.72 -15.38
CA SER A 293 -0.18 -0.94 -13.97
C SER A 293 -1.47 -1.29 -13.27
N VAL A 294 -1.61 -2.58 -12.93
CA VAL A 294 -2.82 -3.07 -12.28
C VAL A 294 -2.46 -3.71 -10.93
N LEU A 295 -3.04 -3.17 -9.84
CA LEU A 295 -2.92 -3.72 -8.51
C LEU A 295 -3.92 -4.86 -8.45
N VAL A 296 -3.43 -6.07 -8.22
CA VAL A 296 -4.27 -7.25 -8.13
C VAL A 296 -4.25 -7.65 -6.65
N CYS A 297 -5.40 -7.58 -5.98
CA CYS A 297 -5.53 -7.88 -4.55
C CYS A 297 -5.57 -9.39 -4.25
N PRO A 298 -5.17 -9.82 -3.03
CA PRO A 298 -5.13 -11.26 -2.72
C PRO A 298 -6.43 -12.04 -2.83
N ASP A 299 -7.59 -11.35 -2.72
CA ASP A 299 -8.94 -11.92 -2.80
C ASP A 299 -9.31 -12.49 -4.16
N GLY A 300 -8.56 -12.11 -5.18
CA GLY A 300 -8.80 -12.52 -6.56
C GLY A 300 -10.06 -11.90 -7.15
N LYS A 301 -10.49 -10.78 -6.60
CA LYS A 301 -11.73 -10.12 -7.03
C LYS A 301 -11.55 -8.62 -7.17
N THR A 302 -10.66 -8.01 -6.38
CA THR A 302 -10.43 -6.57 -6.33
C THR A 302 -9.20 -6.12 -7.10
N VAL A 303 -9.38 -5.08 -7.97
CA VAL A 303 -8.29 -4.47 -8.73
C VAL A 303 -8.30 -2.94 -8.65
N GLU A 304 -7.11 -2.34 -8.78
CA GLU A 304 -6.93 -0.91 -8.91
C GLU A 304 -5.99 -0.68 -10.12
N ALA A 305 -6.52 -0.09 -11.21
CA ALA A 305 -5.72 0.20 -12.42
C ALA A 305 -5.34 1.66 -12.37
N GLU A 306 -4.09 1.95 -12.74
CA GLU A 306 -3.56 3.30 -12.68
C GLU A 306 -2.60 3.69 -13.81
N ALA A 307 -2.33 4.99 -13.90
CA ALA A 307 -1.31 5.56 -14.77
C ALA A 307 -0.16 5.77 -13.77
N ALA A 308 0.79 4.81 -13.77
CA ALA A 308 1.97 4.72 -12.90
C ALA A 308 2.98 5.88 -12.97
N HIS A 309 2.97 6.64 -14.08
CA HIS A 309 3.88 7.77 -14.32
C HIS A 309 3.53 9.04 -13.51
N GLY A 310 4.23 10.13 -13.78
CA GLY A 310 4.06 11.40 -13.10
C GLY A 310 2.85 12.19 -13.53
N THR A 311 2.76 13.43 -13.03
CA THR A 311 1.67 14.36 -13.31
C THR A 311 2.01 15.33 -14.46
N VAL A 312 3.24 15.22 -15.05
CA VAL A 312 3.72 16.00 -16.21
C VAL A 312 3.60 17.53 -15.96
N THR A 313 4.32 17.99 -14.91
CA THR A 313 4.38 19.37 -14.39
C THR A 313 4.73 20.40 -15.48
N ARG A 314 5.77 20.14 -16.30
CA ARG A 314 6.21 21.04 -17.38
C ARG A 314 5.08 21.39 -18.35
N HIS A 315 4.34 20.36 -18.85
CA HIS A 315 3.21 20.57 -19.75
C HIS A 315 2.13 21.36 -19.04
N TYR A 316 1.92 21.08 -17.75
CA TYR A 316 0.96 21.80 -16.93
C TYR A 316 1.36 23.28 -16.76
N ARG A 317 2.67 23.59 -16.69
CA ARG A 317 3.17 24.98 -16.60
C ARG A 317 2.91 25.70 -17.93
N MET A 318 3.26 25.03 -19.06
CA MET A 318 3.01 25.49 -20.44
C MET A 318 1.51 25.78 -20.63
N TYR A 319 0.64 24.84 -20.18
CA TYR A 319 -0.82 24.89 -20.21
C TYR A 319 -1.37 26.07 -19.40
N GLN A 320 -0.76 26.38 -18.24
CA GLN A 320 -1.16 27.50 -17.37
C GLN A 320 -0.85 28.84 -18.05
N LYS A 321 0.31 28.91 -18.75
CA LYS A 321 0.78 30.10 -19.48
C LYS A 321 -0.07 30.40 -20.73
N GLY A 322 -0.92 29.45 -21.13
CA GLY A 322 -1.81 29.55 -22.27
C GLY A 322 -1.24 29.06 -23.58
N GLN A 323 0.01 28.53 -23.56
CA GLN A 323 0.72 28.03 -24.75
C GLN A 323 0.53 26.51 -24.97
N GLU A 324 0.28 26.12 -26.25
CA GLU A 324 0.04 24.77 -26.76
C GLU A 324 0.91 23.64 -26.15
N THR A 325 0.25 22.50 -25.79
CA THR A 325 0.88 21.31 -25.19
C THR A 325 0.47 20.04 -25.97
N SER A 326 1.30 18.99 -25.88
CA SER A 326 1.08 17.69 -26.52
C SER A 326 1.56 16.57 -25.56
N THR A 327 0.63 16.06 -24.70
CA THR A 327 0.89 15.05 -23.67
C THR A 327 0.35 13.67 -24.02
N ASN A 328 1.19 12.62 -23.83
CA ASN A 328 0.82 11.22 -24.09
C ASN A 328 -0.29 10.73 -23.10
N PRO A 329 -1.51 10.36 -23.60
CA PRO A 329 -2.58 9.94 -22.69
C PRO A 329 -2.85 8.43 -22.62
N ILE A 330 -2.06 7.62 -23.32
CA ILE A 330 -2.28 6.17 -23.46
C ILE A 330 -2.30 5.40 -22.12
N ALA A 331 -1.33 5.68 -21.21
CA ALA A 331 -1.30 4.98 -19.91
C ALA A 331 -2.59 5.28 -19.11
N SER A 332 -3.03 6.56 -19.10
CA SER A 332 -4.27 7.02 -18.45
C SER A 332 -5.50 6.36 -19.09
N ILE A 333 -5.49 6.16 -20.41
CA ILE A 333 -6.57 5.47 -21.15
C ILE A 333 -6.58 3.97 -20.76
N PHE A 334 -5.40 3.34 -20.72
CA PHE A 334 -5.30 1.93 -20.35
C PHE A 334 -5.70 1.66 -18.89
N ALA A 335 -5.63 2.67 -18.01
CA ALA A 335 -6.10 2.52 -16.61
C ALA A 335 -7.61 2.32 -16.66
N TRP A 336 -8.28 3.12 -17.49
CA TRP A 336 -9.73 3.01 -17.71
C TRP A 336 -10.12 1.69 -18.34
N THR A 337 -9.41 1.25 -19.39
CA THR A 337 -9.73 0.00 -20.09
C THR A 337 -9.46 -1.25 -19.25
N ARG A 338 -8.34 -1.29 -18.51
CA ARG A 338 -8.04 -2.44 -17.64
C ARG A 338 -9.05 -2.48 -16.50
N GLY A 339 -9.40 -1.30 -15.96
CA GLY A 339 -10.41 -1.18 -14.91
C GLY A 339 -11.75 -1.69 -15.41
N LEU A 340 -12.20 -1.17 -16.57
CA LEU A 340 -13.47 -1.58 -17.19
C LEU A 340 -13.48 -3.06 -17.62
N ALA A 341 -12.33 -3.61 -18.08
CA ALA A 341 -12.27 -5.04 -18.47
C ALA A 341 -12.45 -5.91 -17.25
N HIS A 342 -11.89 -5.51 -16.10
CA HIS A 342 -12.09 -6.28 -14.87
C HIS A 342 -13.55 -6.15 -14.39
N ARG A 343 -14.13 -4.94 -14.53
CA ARG A 343 -15.54 -4.72 -14.17
C ARG A 343 -16.46 -5.66 -15.00
N ALA A 344 -16.17 -5.78 -16.32
CA ALA A 344 -16.94 -6.63 -17.24
C ALA A 344 -16.82 -8.11 -16.88
N LYS A 345 -15.60 -8.57 -16.53
CA LYS A 345 -15.31 -9.96 -16.15
C LYS A 345 -16.09 -10.34 -14.89
N LEU A 346 -16.16 -9.42 -13.90
CA LEU A 346 -16.90 -9.58 -12.64
C LEU A 346 -18.42 -9.67 -12.86
N ASP A 347 -18.95 -8.86 -13.80
CA ASP A 347 -20.38 -8.78 -14.07
C ASP A 347 -20.86 -9.60 -15.28
N ASN A 348 -19.97 -10.37 -15.95
CA ASN A 348 -20.29 -11.15 -17.15
C ASN A 348 -20.96 -10.25 -18.21
N ASN A 349 -20.31 -9.12 -18.50
CA ASN A 349 -20.78 -8.08 -19.42
C ASN A 349 -19.97 -8.14 -20.71
N LYS A 350 -20.50 -8.83 -21.72
CA LYS A 350 -19.91 -9.02 -23.05
C LYS A 350 -19.66 -7.67 -23.73
N GLU A 351 -20.64 -6.75 -23.63
CA GLU A 351 -20.63 -5.40 -24.21
C GLU A 351 -19.53 -4.54 -23.62
N LEU A 352 -19.40 -4.53 -22.27
CA LEU A 352 -18.35 -3.74 -21.62
C LEU A 352 -16.98 -4.33 -21.96
N ALA A 353 -16.86 -5.68 -22.00
CA ALA A 353 -15.63 -6.40 -22.37
C ALA A 353 -15.21 -6.04 -23.80
N PHE A 354 -16.19 -5.99 -24.73
CA PHE A 354 -15.91 -5.62 -26.12
C PHE A 354 -15.40 -4.19 -26.23
N PHE A 355 -16.08 -3.24 -25.54
CA PHE A 355 -15.69 -1.84 -25.56
C PHE A 355 -14.27 -1.60 -25.03
N ALA A 356 -13.95 -2.18 -23.85
CA ALA A 356 -12.63 -2.01 -23.22
C ALA A 356 -11.52 -2.41 -24.21
N ASN A 357 -11.64 -3.59 -24.82
CA ASN A 357 -10.67 -4.10 -25.78
C ASN A 357 -10.62 -3.24 -27.05
N ALA A 358 -11.79 -2.72 -27.50
CA ALA A 358 -11.88 -1.85 -28.68
C ALA A 358 -11.13 -0.54 -28.47
N LEU A 359 -11.18 0.02 -27.24
CA LEU A 359 -10.47 1.29 -26.96
C LEU A 359 -8.93 1.08 -26.92
N GLU A 360 -8.47 -0.11 -26.50
CA GLU A 360 -7.05 -0.45 -26.48
C GLU A 360 -6.53 -0.58 -27.93
N GLU A 361 -7.28 -1.34 -28.77
CA GLU A 361 -7.01 -1.56 -30.21
C GLU A 361 -6.92 -0.22 -30.94
N VAL A 362 -7.89 0.68 -30.71
CA VAL A 362 -7.94 2.02 -31.30
C VAL A 362 -6.69 2.81 -30.93
N SER A 363 -6.32 2.82 -29.63
CA SER A 363 -5.14 3.53 -29.11
C SER A 363 -3.82 3.12 -29.82
N ILE A 364 -3.62 1.80 -29.99
CA ILE A 364 -2.45 1.22 -30.63
C ILE A 364 -2.45 1.53 -32.14
N GLU A 365 -3.58 1.22 -32.84
CA GLU A 365 -3.78 1.46 -34.28
C GLU A 365 -3.55 2.93 -34.67
N THR A 366 -3.96 3.90 -33.82
CA THR A 366 -3.79 5.34 -34.07
C THR A 366 -2.29 5.71 -34.12
N ILE A 367 -1.50 5.27 -33.11
CA ILE A 367 -0.06 5.50 -33.04
C ILE A 367 0.65 4.74 -34.17
N GLU A 368 0.21 3.50 -34.43
CA GLU A 368 0.81 2.69 -35.50
C GLU A 368 0.52 3.28 -36.92
N ALA A 369 -0.50 4.15 -37.05
CA ALA A 369 -0.84 4.86 -38.29
C ALA A 369 -0.07 6.20 -38.40
N GLY A 370 0.82 6.46 -37.44
CA GLY A 370 1.67 7.65 -37.45
C GLY A 370 1.09 8.88 -36.78
N PHE A 371 -0.08 8.74 -36.11
CA PHE A 371 -0.72 9.84 -35.38
C PHE A 371 -0.30 9.70 -33.91
N MET A 372 0.42 10.70 -33.37
CA MET A 372 0.96 10.66 -32.01
C MET A 372 1.27 12.04 -31.39
N THR A 373 1.66 12.01 -30.12
CA THR A 373 2.03 13.19 -29.32
C THR A 373 3.52 13.49 -29.48
N LYS A 374 3.91 14.76 -29.20
CA LYS A 374 5.27 15.31 -29.33
C LYS A 374 6.36 14.44 -28.71
N ASP A 375 6.07 13.90 -27.52
CA ASP A 375 6.99 13.01 -26.79
C ASP A 375 7.20 11.68 -27.53
N LEU A 376 6.14 11.12 -28.14
CA LEU A 376 6.19 9.86 -28.91
C LEU A 376 6.89 10.09 -30.26
N ALA A 377 6.77 11.33 -30.81
CA ALA A 377 7.41 11.72 -32.07
C ALA A 377 8.93 11.83 -31.81
N ALA A 378 9.31 12.28 -30.59
CA ALA A 378 10.69 12.39 -30.14
C ALA A 378 11.37 11.01 -30.00
N CYS A 379 10.59 9.94 -29.80
CA CYS A 379 11.10 8.58 -29.69
C CYS A 379 11.58 8.02 -31.03
N ILE A 380 10.86 8.33 -32.13
CA ILE A 380 11.23 7.83 -33.47
C ILE A 380 12.31 8.72 -34.13
N LYS A 381 12.20 10.05 -33.97
CA LYS A 381 13.07 11.06 -34.60
C LYS A 381 14.19 11.68 -33.74
N GLY A 382 13.97 11.79 -32.43
CA GLY A 382 14.88 12.49 -31.53
C GLY A 382 14.39 13.93 -31.41
N LEU A 383 14.21 14.44 -30.17
CA LEU A 383 13.67 15.79 -29.90
C LEU A 383 14.23 16.95 -30.79
N PRO A 384 15.55 17.09 -31.12
CA PRO A 384 15.97 18.23 -31.96
C PRO A 384 15.46 18.22 -33.41
N ASN A 385 15.17 17.01 -33.95
CA ASN A 385 14.67 16.78 -35.32
C ASN A 385 13.13 16.84 -35.43
N VAL A 386 12.42 16.82 -34.28
CA VAL A 386 10.97 16.85 -34.23
C VAL A 386 10.41 18.24 -34.60
N GLN A 387 9.41 18.27 -35.50
CA GLN A 387 8.74 19.48 -35.99
C GLN A 387 7.24 19.40 -35.70
N ARG A 388 6.54 20.55 -35.69
CA ARG A 388 5.10 20.69 -35.45
C ARG A 388 4.22 19.78 -36.38
N SER A 389 4.79 19.34 -37.52
CA SER A 389 4.17 18.44 -38.51
C SER A 389 4.25 16.95 -38.08
N ASP A 390 5.19 16.61 -37.19
CA ASP A 390 5.40 15.24 -36.69
C ASP A 390 4.42 14.80 -35.59
N TYR A 391 3.63 15.72 -35.02
CA TYR A 391 2.74 15.35 -33.92
C TYR A 391 1.45 16.16 -33.83
N LEU A 392 0.52 15.68 -32.98
CA LEU A 392 -0.75 16.33 -32.70
C LEU A 392 -0.72 16.92 -31.28
N ASN A 393 -1.41 18.06 -31.05
CA ASN A 393 -1.50 18.64 -29.70
C ASN A 393 -2.45 17.76 -28.86
N THR A 394 -2.39 17.87 -27.51
CA THR A 394 -3.19 17.06 -26.57
C THR A 394 -4.62 16.85 -27.05
N PHE A 395 -5.34 17.95 -27.37
CA PHE A 395 -6.73 17.92 -27.84
C PHE A 395 -6.85 17.24 -29.21
N GLU A 396 -5.92 17.54 -30.15
CA GLU A 396 -5.87 16.95 -31.50
C GLU A 396 -5.78 15.41 -31.46
N PHE A 397 -4.85 14.86 -30.64
CA PHE A 397 -4.66 13.40 -30.48
C PHE A 397 -5.86 12.72 -29.85
N MET A 398 -6.51 13.40 -28.87
CA MET A 398 -7.70 12.92 -28.18
C MET A 398 -8.88 12.88 -29.15
N ASP A 399 -9.03 13.93 -30.00
CA ASP A 399 -10.05 14.05 -31.04
C ASP A 399 -9.87 12.93 -32.08
N LYS A 400 -8.60 12.65 -32.48
CA LYS A 400 -8.25 11.59 -33.44
C LYS A 400 -8.61 10.22 -32.87
N LEU A 401 -8.29 9.97 -31.58
CA LEU A 401 -8.65 8.70 -30.93
C LEU A 401 -10.17 8.52 -30.90
N GLY A 402 -10.89 9.58 -30.53
CA GLY A 402 -12.36 9.62 -30.48
C GLY A 402 -12.99 9.40 -31.84
N GLU A 403 -12.35 9.97 -32.88
CA GLU A 403 -12.76 9.81 -34.29
C GLU A 403 -12.61 8.33 -34.69
N ASN A 404 -11.49 7.70 -34.30
CA ASN A 404 -11.21 6.29 -34.61
C ASN A 404 -12.01 5.31 -33.74
N LEU A 405 -12.37 5.71 -32.50
CA LEU A 405 -13.17 4.84 -31.64
C LEU A 405 -14.59 4.74 -32.21
N LYS A 406 -15.15 5.89 -32.65
CA LYS A 406 -16.48 6.02 -33.27
C LYS A 406 -16.56 5.09 -34.49
N ILE A 407 -15.52 5.08 -35.35
CA ILE A 407 -15.39 4.23 -36.55
C ILE A 407 -15.35 2.74 -36.18
N LYS A 408 -14.48 2.32 -35.24
CA LYS A 408 -14.35 0.91 -34.82
C LYS A 408 -15.66 0.36 -34.25
N LEU A 409 -16.32 1.14 -33.38
CA LEU A 409 -17.59 0.75 -32.76
C LEU A 409 -18.74 0.67 -33.76
N ALA A 410 -18.80 1.61 -34.75
CA ALA A 410 -19.85 1.62 -35.77
C ALA A 410 -19.73 0.41 -36.71
N GLN A 411 -18.48 0.04 -37.08
CA GLN A 411 -18.17 -1.12 -37.93
C GLN A 411 -18.44 -2.42 -37.17
N ALA A 412 -18.30 -2.38 -35.83
CA ALA A 412 -18.56 -3.52 -34.97
C ALA A 412 -20.06 -3.79 -34.85
N LYS A 413 -20.88 -2.70 -34.79
CA LYS A 413 -22.34 -2.76 -34.69
C LYS A 413 -22.96 -3.31 -35.98
N LEU A 414 -22.45 -2.85 -37.15
CA LEU A 414 -22.88 -3.28 -38.49
C LEU A 414 -22.56 -4.75 -38.77
N SER A 415 -21.47 -5.27 -38.18
CA SER A 415 -21.00 -6.65 -38.33
C SER A 415 -21.86 -7.71 -37.60
N LEU A 416 -22.83 -7.28 -36.77
CA LEU A 416 -23.70 -8.18 -35.99
C LEU A 416 -24.65 -9.02 -36.86
N GLU A 417 -24.63 -10.36 -36.62
CA GLU A 417 -25.45 -11.36 -37.31
C GLU A 417 -26.87 -11.44 -36.75
N HIS A 418 -27.87 -11.40 -37.63
CA HIS A 418 -29.30 -11.44 -37.31
C HIS A 418 -29.73 -12.81 -36.82
N LYS B 3 -7.49 -14.55 30.85
CA LYS B 3 -7.22 -14.24 29.44
C LYS B 3 -8.54 -13.80 28.77
N LYS B 4 -8.78 -12.48 28.65
CA LYS B 4 -10.03 -11.93 28.10
C LYS B 4 -9.83 -11.01 26.91
N ILE B 5 -10.91 -10.78 26.13
CA ILE B 5 -10.87 -9.87 24.99
C ILE B 5 -10.83 -8.42 25.53
N SER B 6 -9.99 -7.56 24.95
CA SER B 6 -9.93 -6.16 25.36
C SER B 6 -11.03 -5.44 24.57
N GLY B 7 -12.08 -5.05 25.26
CA GLY B 7 -13.26 -4.45 24.64
C GLY B 7 -13.26 -2.95 24.39
N GLY B 8 -12.50 -2.17 25.16
CA GLY B 8 -12.48 -0.72 24.99
C GLY B 8 -13.59 0.02 25.74
N SER B 9 -13.88 1.27 25.31
CA SER B 9 -14.86 2.14 25.99
C SER B 9 -16.33 1.93 25.58
N VAL B 10 -17.21 1.65 26.54
CA VAL B 10 -18.64 1.43 26.30
C VAL B 10 -19.42 2.15 27.39
N VAL B 11 -20.49 2.86 27.01
CA VAL B 11 -21.35 3.55 27.94
C VAL B 11 -22.52 2.62 28.20
N GLU B 12 -22.73 2.20 29.45
CA GLU B 12 -23.88 1.36 29.75
C GLU B 12 -24.93 2.12 30.54
N MET B 13 -26.21 1.90 30.21
CA MET B 13 -27.32 2.56 30.88
C MET B 13 -28.19 1.53 31.49
N GLN B 14 -28.21 1.51 32.83
CA GLN B 14 -29.00 0.54 33.58
C GLN B 14 -30.45 1.02 33.62
N GLY B 15 -31.40 0.08 33.65
CA GLY B 15 -32.80 0.38 33.59
C GLY B 15 -33.64 -0.05 34.77
N ASP B 16 -34.88 -0.48 34.46
CA ASP B 16 -35.89 -0.82 35.44
C ASP B 16 -36.49 -2.23 35.37
N GLU B 17 -37.07 -2.62 36.50
CA GLU B 17 -37.90 -3.81 36.76
C GLU B 17 -37.27 -5.13 36.26
N MET B 18 -38.01 -5.96 35.47
CA MET B 18 -37.51 -7.26 34.98
C MET B 18 -36.25 -7.14 34.12
N THR B 19 -36.20 -6.17 33.21
CA THR B 19 -35.06 -5.91 32.33
C THR B 19 -33.80 -5.58 33.11
N ARG B 20 -33.95 -4.87 34.26
CA ARG B 20 -32.84 -4.54 35.16
C ARG B 20 -32.19 -5.82 35.71
N ILE B 21 -32.99 -6.82 36.10
CA ILE B 21 -32.50 -8.11 36.62
C ILE B 21 -31.75 -8.88 35.51
N ILE B 22 -32.37 -8.98 34.35
CA ILE B 22 -31.85 -9.67 33.17
C ILE B 22 -30.52 -9.05 32.72
N TRP B 23 -30.45 -7.72 32.69
CA TRP B 23 -29.26 -6.96 32.32
C TRP B 23 -28.04 -7.39 33.17
N GLU B 24 -28.22 -7.53 34.51
CA GLU B 24 -27.14 -7.97 35.41
C GLU B 24 -26.73 -9.42 35.13
N LEU B 25 -27.70 -10.31 34.85
CA LEU B 25 -27.44 -11.72 34.47
C LEU B 25 -26.62 -11.73 33.17
N ILE B 26 -26.98 -10.88 32.16
CA ILE B 26 -26.24 -10.79 30.90
C ILE B 26 -24.77 -10.40 31.15
N LYS B 27 -24.54 -9.32 31.92
CA LYS B 27 -23.19 -8.84 32.25
C LYS B 27 -22.39 -9.89 32.97
N GLU B 28 -22.97 -10.51 34.00
CA GLU B 28 -22.28 -11.53 34.78
C GLU B 28 -22.03 -12.84 34.04
N LYS B 29 -23.00 -13.32 33.26
CA LYS B 29 -22.85 -14.63 32.61
C LYS B 29 -22.30 -14.61 31.18
N LEU B 30 -22.59 -13.58 30.43
CA LEU B 30 -22.21 -13.58 29.02
C LEU B 30 -21.14 -12.61 28.59
N ILE B 31 -21.02 -11.47 29.27
CA ILE B 31 -20.06 -10.43 28.84
C ILE B 31 -18.77 -10.49 29.64
N PHE B 32 -18.85 -10.16 30.92
CA PHE B 32 -17.74 -10.05 31.86
C PHE B 32 -16.83 -11.29 31.93
N PRO B 33 -17.29 -12.57 31.81
CA PRO B 33 -16.32 -13.68 31.80
C PRO B 33 -15.42 -13.71 30.59
N TYR B 34 -15.78 -12.99 29.49
CA TYR B 34 -15.00 -13.05 28.26
C TYR B 34 -14.42 -11.75 27.77
N VAL B 35 -14.94 -10.64 28.23
CA VAL B 35 -14.59 -9.32 27.72
C VAL B 35 -14.24 -8.39 28.89
N GLU B 36 -13.12 -7.68 28.76
CA GLU B 36 -12.71 -6.64 29.72
C GLU B 36 -13.15 -5.31 29.09
N LEU B 37 -13.90 -4.50 29.82
CA LEU B 37 -14.32 -3.20 29.25
C LEU B 37 -13.96 -2.02 30.13
N ASP B 38 -13.75 -0.85 29.48
CA ASP B 38 -13.62 0.45 30.15
C ASP B 38 -15.08 0.91 30.17
N LEU B 39 -15.83 0.44 31.16
CA LEU B 39 -17.26 0.67 31.30
C LEU B 39 -17.60 1.99 31.98
N HIS B 40 -18.46 2.79 31.34
CA HIS B 40 -18.91 4.05 31.90
C HIS B 40 -20.37 3.84 32.17
N SER B 41 -20.69 3.50 33.42
CA SER B 41 -22.04 3.16 33.84
C SER B 41 -22.84 4.34 34.33
N TYR B 42 -24.12 4.37 33.93
CA TYR B 42 -25.11 5.41 34.26
C TYR B 42 -26.36 4.69 34.66
N ASP B 43 -26.87 4.96 35.86
CA ASP B 43 -28.07 4.33 36.35
C ASP B 43 -29.33 5.13 35.98
N LEU B 44 -30.03 4.65 34.95
CA LEU B 44 -31.25 5.27 34.47
C LEU B 44 -32.47 4.61 35.07
N GLY B 45 -32.30 3.89 36.19
CA GLY B 45 -33.42 3.34 36.95
C GLY B 45 -34.25 4.53 37.43
N ILE B 46 -35.60 4.40 37.43
CA ILE B 46 -36.55 5.47 37.78
C ILE B 46 -36.19 6.20 39.11
N GLU B 47 -35.72 5.48 40.14
CA GLU B 47 -35.33 6.05 41.44
C GLU B 47 -34.09 6.93 41.32
N ASN B 48 -33.11 6.53 40.50
CA ASN B 48 -31.92 7.36 40.33
C ASN B 48 -32.20 8.59 39.45
N ARG B 49 -33.09 8.46 38.44
CA ARG B 49 -33.48 9.58 37.59
C ARG B 49 -34.20 10.65 38.45
N ASP B 50 -35.07 10.19 39.38
CA ASP B 50 -35.78 11.07 40.33
C ASP B 50 -34.81 11.79 41.26
N ALA B 51 -33.84 11.06 41.82
CA ALA B 51 -32.83 11.54 42.74
C ALA B 51 -31.89 12.59 42.13
N THR B 52 -31.63 12.50 40.81
CA THR B 52 -30.72 13.42 40.11
C THR B 52 -31.49 14.48 39.31
N ASN B 53 -32.84 14.51 39.41
CA ASN B 53 -33.73 15.41 38.66
C ASN B 53 -33.59 15.23 37.12
N ASP B 54 -33.39 13.96 36.70
CA ASP B 54 -33.23 13.48 35.32
C ASP B 54 -31.86 13.83 34.73
N GLN B 55 -30.95 14.38 35.55
CA GLN B 55 -29.61 14.76 35.10
C GLN B 55 -28.80 13.56 34.64
N VAL B 56 -28.97 12.40 35.29
CA VAL B 56 -28.24 11.18 34.91
C VAL B 56 -28.45 10.85 33.40
N THR B 57 -29.66 11.08 32.87
CA THR B 57 -30.04 10.85 31.46
C THR B 57 -29.26 11.71 30.46
N LYS B 58 -29.10 13.02 30.76
CA LYS B 58 -28.35 13.97 29.93
C LYS B 58 -26.85 13.67 30.00
N ASP B 59 -26.37 13.26 31.19
CA ASP B 59 -24.98 12.90 31.42
C ASP B 59 -24.62 11.64 30.63
N ALA B 60 -25.52 10.63 30.62
CA ALA B 60 -25.35 9.41 29.82
C ALA B 60 -25.32 9.75 28.33
N ALA B 61 -26.24 10.63 27.84
CA ALA B 61 -26.27 11.00 26.43
C ALA B 61 -24.98 11.70 26.03
N GLU B 62 -24.45 12.57 26.92
CA GLU B 62 -23.18 13.26 26.69
C GLU B 62 -22.02 12.26 26.67
N ALA B 63 -22.07 11.24 27.53
CA ALA B 63 -21.03 10.18 27.58
C ALA B 63 -20.99 9.38 26.27
N ILE B 64 -22.18 9.09 25.67
CA ILE B 64 -22.28 8.37 24.40
C ILE B 64 -21.61 9.17 23.29
N LYS B 65 -21.77 10.51 23.28
CA LYS B 65 -21.14 11.40 22.28
C LYS B 65 -19.62 11.28 22.42
N LYS B 66 -19.13 11.28 23.65
CA LYS B 66 -17.71 11.18 23.95
C LYS B 66 -17.10 9.82 23.53
N HIS B 67 -17.73 8.69 23.93
CA HIS B 67 -17.18 7.34 23.74
C HIS B 67 -17.67 6.58 22.49
N ASN B 68 -18.75 7.05 21.84
CA ASN B 68 -19.32 6.60 20.57
C ASN B 68 -20.15 5.30 20.65
N VAL B 69 -20.21 4.62 21.79
CA VAL B 69 -21.05 3.43 21.86
C VAL B 69 -21.75 3.41 23.18
N GLY B 70 -23.05 3.27 23.08
CA GLY B 70 -23.93 3.19 24.24
C GLY B 70 -24.75 1.93 24.14
N VAL B 71 -25.01 1.32 25.29
CA VAL B 71 -25.84 0.12 25.39
C VAL B 71 -26.86 0.42 26.48
N LYS B 72 -28.14 0.45 26.13
CA LYS B 72 -29.20 0.82 27.06
C LYS B 72 -30.18 -0.27 27.40
N CYS B 73 -30.46 -0.41 28.69
CA CYS B 73 -31.49 -1.28 29.25
C CYS B 73 -32.84 -0.56 29.18
N ALA B 74 -33.94 -1.29 29.03
CA ALA B 74 -35.28 -0.69 28.97
C ALA B 74 -35.58 0.06 30.29
N THR B 75 -36.24 1.24 30.18
CA THR B 75 -36.57 2.10 31.33
C THR B 75 -38.08 2.37 31.42
N ILE B 76 -38.53 2.88 32.57
CA ILE B 76 -39.94 3.26 32.78
C ILE B 76 -40.10 4.72 32.34
N THR B 77 -41.10 5.01 31.46
CA THR B 77 -41.48 6.39 31.11
C THR B 77 -42.68 6.63 32.05
N PRO B 78 -42.48 7.42 33.12
CA PRO B 78 -43.54 7.57 34.13
C PRO B 78 -44.83 8.24 33.68
N ASP B 79 -45.95 7.64 34.10
CA ASP B 79 -47.30 8.16 33.92
C ASP B 79 -47.82 8.50 35.36
N GLU B 80 -49.12 8.85 35.52
CA GLU B 80 -49.72 9.20 36.83
C GLU B 80 -49.52 8.11 37.88
N LYS B 81 -49.85 6.86 37.51
CA LYS B 81 -49.73 5.67 38.36
C LYS B 81 -48.31 5.47 38.89
N ARG B 82 -47.29 5.76 38.04
CA ARG B 82 -45.87 5.62 38.40
C ARG B 82 -45.41 6.70 39.37
N VAL B 83 -45.96 7.92 39.23
CA VAL B 83 -45.61 9.05 40.12
C VAL B 83 -45.95 8.66 41.57
N GLU B 84 -47.13 8.04 41.78
CA GLU B 84 -47.62 7.53 43.07
C GLU B 84 -46.72 6.40 43.59
N GLU B 85 -46.46 5.35 42.74
CA GLU B 85 -45.66 4.17 43.04
C GLU B 85 -44.26 4.48 43.57
N PHE B 86 -43.59 5.46 42.97
CA PHE B 86 -42.21 5.77 43.34
C PHE B 86 -42.06 7.10 44.08
N LYS B 87 -43.20 7.78 44.38
CA LYS B 87 -43.27 9.10 45.06
C LYS B 87 -42.31 10.09 44.37
N LEU B 88 -42.43 10.20 43.03
CA LEU B 88 -41.57 11.03 42.17
C LEU B 88 -41.80 12.52 42.34
N LYS B 89 -40.71 13.32 42.27
CA LYS B 89 -40.71 14.79 42.36
C LYS B 89 -41.48 15.39 41.18
N GLN B 90 -41.24 14.85 39.96
CA GLN B 90 -41.89 15.28 38.72
C GLN B 90 -42.23 14.08 37.86
N MET B 91 -43.12 14.27 36.86
CA MET B 91 -43.44 13.22 35.91
C MET B 91 -42.39 13.34 34.78
N TRP B 92 -41.19 12.79 35.02
CA TRP B 92 -40.04 12.84 34.12
C TRP B 92 -40.36 12.34 32.71
N LYS B 93 -39.76 13.01 31.70
CA LYS B 93 -39.97 12.68 30.30
C LYS B 93 -39.25 11.38 29.96
N SER B 94 -39.68 10.72 28.87
CA SER B 94 -39.06 9.50 28.34
C SER B 94 -37.51 9.65 28.23
N PRO B 95 -36.71 8.81 28.95
CA PRO B 95 -35.24 8.88 28.79
C PRO B 95 -34.78 8.61 27.35
N ASN B 96 -35.49 7.73 26.61
CA ASN B 96 -35.17 7.43 25.21
C ASN B 96 -35.36 8.68 24.38
N GLY B 97 -36.45 9.42 24.63
CA GLY B 97 -36.74 10.68 23.96
C GLY B 97 -35.65 11.71 24.20
N THR B 98 -35.19 11.86 25.46
CA THR B 98 -34.12 12.80 25.82
C THR B 98 -32.82 12.47 25.10
N ILE B 99 -32.37 11.20 25.20
CA ILE B 99 -31.14 10.71 24.54
C ILE B 99 -31.22 10.91 23.03
N ARG B 100 -32.33 10.51 22.42
CA ARG B 100 -32.47 10.61 20.96
C ARG B 100 -32.52 12.05 20.49
N ASN B 101 -33.13 12.94 21.30
CA ASN B 101 -33.21 14.30 20.81
CA ASN B 101 -33.21 14.39 21.02
C ASN B 101 -31.80 14.97 21.00
N ILE B 102 -30.93 14.48 21.92
CA ILE B 102 -29.54 14.96 22.07
C ILE B 102 -28.64 14.43 20.93
N LEU B 103 -28.68 13.10 20.66
CA LEU B 103 -27.84 12.46 19.62
C LEU B 103 -28.33 12.62 18.18
N GLY B 104 -29.63 12.50 17.98
CA GLY B 104 -30.25 12.51 16.65
C GLY B 104 -29.99 11.20 15.93
N GLY B 105 -30.43 11.13 14.68
CA GLY B 105 -30.19 9.97 13.84
C GLY B 105 -31.40 9.12 13.51
N THR B 106 -31.13 7.87 13.13
CA THR B 106 -32.17 6.89 12.73
C THR B 106 -32.00 5.66 13.55
N VAL B 107 -33.13 5.12 14.09
CA VAL B 107 -33.18 3.91 14.89
C VAL B 107 -33.56 2.79 13.93
N PHE B 108 -32.60 1.89 13.69
CA PHE B 108 -32.85 0.73 12.84
C PHE B 108 -33.38 -0.40 13.64
N ARG B 109 -34.53 -0.95 13.21
CA ARG B 109 -35.19 -2.05 13.90
C ARG B 109 -35.43 -3.22 12.97
N GLU B 110 -35.09 -4.42 13.48
CA GLU B 110 -35.19 -5.67 12.71
C GLU B 110 -35.47 -6.86 13.61
N ALA B 111 -36.32 -7.78 13.14
CA ALA B 111 -36.65 -9.02 13.86
C ALA B 111 -35.42 -9.97 13.90
N ILE B 112 -35.24 -10.66 15.02
CA ILE B 112 -34.19 -11.67 15.21
C ILE B 112 -34.91 -12.98 14.85
N ILE B 113 -34.54 -13.57 13.74
CA ILE B 113 -35.24 -14.75 13.21
C ILE B 113 -34.63 -16.11 13.59
N CYS B 114 -35.50 -17.02 14.06
CA CYS B 114 -35.18 -18.43 14.36
C CYS B 114 -36.04 -19.29 13.47
N LYS B 115 -35.43 -20.32 12.88
CA LYS B 115 -36.03 -21.25 11.91
C LYS B 115 -37.25 -21.99 12.43
N ASN B 116 -37.30 -22.24 13.76
CA ASN B 116 -38.37 -23.01 14.39
C ASN B 116 -39.49 -22.16 14.96
N ILE B 117 -39.40 -20.82 14.85
CA ILE B 117 -40.45 -19.97 15.44
C ILE B 117 -41.44 -19.55 14.34
N PRO B 118 -42.72 -19.99 14.42
CA PRO B 118 -43.68 -19.59 13.38
C PRO B 118 -44.02 -18.11 13.47
N ARG B 119 -44.28 -17.49 12.32
CA ARG B 119 -44.73 -16.10 12.21
C ARG B 119 -46.25 -16.04 12.30
N LEU B 120 -46.78 -14.86 12.60
CA LEU B 120 -48.23 -14.63 12.63
C LEU B 120 -48.62 -14.18 11.22
N VAL B 121 -47.66 -13.62 10.48
CA VAL B 121 -47.86 -13.15 9.11
C VAL B 121 -47.19 -14.15 8.18
N SER B 122 -48.01 -14.85 7.38
CA SER B 122 -47.63 -15.94 6.47
C SER B 122 -46.52 -15.66 5.43
N GLY B 123 -46.60 -14.55 4.68
CA GLY B 123 -45.68 -14.28 3.60
C GLY B 123 -44.28 -13.78 3.88
N TRP B 124 -43.99 -13.33 5.12
CA TRP B 124 -42.70 -12.72 5.47
C TRP B 124 -41.51 -13.68 5.54
N VAL B 125 -41.02 -14.12 4.36
CA VAL B 125 -39.88 -15.04 4.25
C VAL B 125 -38.53 -14.32 4.30
N LYS B 126 -38.52 -13.02 3.98
CA LYS B 126 -37.33 -12.18 4.04
C LYS B 126 -37.51 -11.11 5.13
N PRO B 127 -36.41 -10.50 5.65
CA PRO B 127 -36.57 -9.52 6.74
C PRO B 127 -37.09 -8.14 6.36
N ILE B 128 -37.77 -7.49 7.28
CA ILE B 128 -38.26 -6.10 7.08
C ILE B 128 -37.45 -5.27 8.04
N ILE B 129 -36.71 -4.30 7.51
CA ILE B 129 -35.93 -3.42 8.39
C ILE B 129 -36.61 -2.06 8.41
N ILE B 130 -36.96 -1.61 9.59
CA ILE B 130 -37.53 -0.28 9.75
C ILE B 130 -36.45 0.71 10.15
N GLY B 131 -36.38 1.81 9.42
CA GLY B 131 -35.49 2.93 9.71
C GLY B 131 -36.37 4.03 10.28
N ARG B 132 -36.43 4.12 11.62
CA ARG B 132 -37.25 5.07 12.35
C ARG B 132 -36.48 6.37 12.61
N HIS B 133 -36.94 7.48 11.97
CA HIS B 133 -36.34 8.83 12.20
C HIS B 133 -36.42 9.07 13.73
N ALA B 134 -35.31 9.26 14.42
CA ALA B 134 -35.35 9.33 15.88
C ALA B 134 -35.53 10.73 16.47
N TYR B 135 -35.69 11.73 15.62
CA TYR B 135 -35.79 13.10 16.10
C TYR B 135 -37.12 13.79 15.79
N GLY B 136 -37.57 14.60 16.73
CA GLY B 136 -38.69 15.52 16.62
C GLY B 136 -40.06 14.93 16.54
N ASP B 137 -40.97 15.67 15.85
CA ASP B 137 -42.40 15.34 15.70
C ASP B 137 -43.01 15.18 17.10
N GLN B 138 -43.86 14.13 17.34
CA GLN B 138 -44.54 13.92 18.61
C GLN B 138 -43.63 13.80 19.84
N TYR B 139 -42.36 13.39 19.66
CA TYR B 139 -41.43 13.12 20.76
C TYR B 139 -40.69 14.37 21.23
N ARG B 140 -40.94 15.53 20.60
CA ARG B 140 -40.40 16.80 21.07
C ARG B 140 -41.47 17.87 20.94
N ALA B 141 -42.73 17.47 21.12
CA ALA B 141 -43.88 18.34 20.90
C ALA B 141 -44.26 19.15 22.12
N THR B 142 -45.06 20.19 21.90
CA THR B 142 -45.61 20.97 22.99
C THR B 142 -47.12 20.76 22.94
N ASP B 143 -47.69 20.07 23.92
CA ASP B 143 -49.13 19.82 23.96
C ASP B 143 -49.73 20.36 25.24
N PHE B 144 -50.99 20.81 25.20
CA PHE B 144 -51.62 21.38 26.38
C PHE B 144 -53.12 21.27 26.28
N VAL B 145 -53.79 21.33 27.43
CA VAL B 145 -55.24 21.29 27.54
C VAL B 145 -55.73 22.71 27.25
N VAL B 146 -56.76 22.83 26.42
CA VAL B 146 -57.42 24.11 26.15
C VAL B 146 -58.62 24.15 27.17
N PRO B 147 -58.56 24.98 28.24
CA PRO B 147 -59.60 24.90 29.28
C PRO B 147 -60.99 25.40 28.89
N GLY B 148 -61.06 26.22 27.86
CA GLY B 148 -62.32 26.80 27.45
C GLY B 148 -62.22 27.56 26.15
N PRO B 149 -63.31 28.27 25.81
CA PRO B 149 -63.34 29.05 24.58
C PRO B 149 -62.20 30.06 24.46
N GLY B 150 -61.68 30.18 23.25
CA GLY B 150 -60.57 31.04 22.93
C GLY B 150 -59.81 30.56 21.71
N LYS B 151 -58.81 31.31 21.28
CA LYS B 151 -58.05 31.04 20.07
C LYS B 151 -56.73 30.35 20.36
N VAL B 152 -56.38 29.40 19.50
CA VAL B 152 -55.06 28.75 19.52
C VAL B 152 -54.44 29.16 18.22
N GLU B 153 -53.25 29.78 18.28
CA GLU B 153 -52.55 30.25 17.09
C GLU B 153 -51.15 29.74 17.10
N ILE B 154 -50.58 29.53 15.93
CA ILE B 154 -49.18 29.10 15.83
C ILE B 154 -48.44 30.16 15.01
N THR B 155 -47.32 30.64 15.54
CA THR B 155 -46.58 31.72 14.87
C THR B 155 -45.15 31.39 14.52
N TYR B 156 -44.67 31.89 13.39
CA TYR B 156 -43.27 31.77 13.00
C TYR B 156 -42.65 33.16 12.89
N THR B 157 -41.50 33.37 13.59
CA THR B 157 -40.81 34.64 13.58
C THR B 157 -39.35 34.43 13.17
N PRO B 158 -38.94 34.77 11.93
CA PRO B 158 -37.53 34.62 11.56
C PRO B 158 -36.58 35.40 12.48
N SER B 159 -35.36 34.87 12.67
CA SER B 159 -34.38 35.47 13.59
C SER B 159 -34.01 36.94 13.25
N ASP B 160 -34.13 37.40 11.98
CA ASP B 160 -33.89 38.83 11.66
C ASP B 160 -34.93 39.77 12.31
N GLY B 161 -36.08 39.21 12.71
CA GLY B 161 -37.16 39.93 13.38
C GLY B 161 -37.93 40.92 12.51
N THR B 162 -37.84 40.76 11.19
CA THR B 162 -38.44 41.65 10.19
C THR B 162 -39.80 41.19 9.64
N GLN B 163 -40.30 40.05 10.13
CA GLN B 163 -41.61 39.52 9.76
C GLN B 163 -42.10 38.51 10.81
N LYS B 164 -43.42 38.29 10.80
CA LYS B 164 -44.10 37.37 11.70
C LYS B 164 -45.27 36.78 10.89
N VAL B 165 -45.39 35.45 10.91
CA VAL B 165 -46.51 34.78 10.27
C VAL B 165 -47.33 34.14 11.40
N THR B 166 -48.62 34.44 11.46
CA THR B 166 -49.51 33.85 12.47
C THR B 166 -50.58 33.00 11.77
N TYR B 167 -50.74 31.74 12.22
CA TYR B 167 -51.76 30.85 11.67
C TYR B 167 -52.79 30.53 12.72
N LEU B 168 -54.07 30.55 12.36
CA LEU B 168 -55.08 30.14 13.33
C LEU B 168 -55.14 28.59 13.29
N VAL B 169 -54.98 27.93 14.44
CA VAL B 169 -55.07 26.49 14.58
C VAL B 169 -56.55 26.17 14.73
N HIS B 170 -57.20 26.85 15.69
CA HIS B 170 -58.63 26.69 15.92
C HIS B 170 -59.12 27.76 16.86
N ASN B 171 -60.33 28.25 16.57
CA ASN B 171 -61.04 29.14 17.47
C ASN B 171 -62.07 28.24 18.17
N PHE B 172 -61.86 27.96 19.46
CA PHE B 172 -62.75 27.13 20.28
C PHE B 172 -63.91 28.03 20.68
N GLU B 173 -65.11 27.78 20.15
CA GLU B 173 -66.25 28.66 20.42
C GLU B 173 -67.10 28.22 21.60
N GLU B 174 -67.13 26.93 21.87
CA GLU B 174 -67.89 26.33 22.95
C GLU B 174 -67.05 25.23 23.58
N GLY B 175 -66.71 25.39 24.83
CA GLY B 175 -65.92 24.40 25.55
C GLY B 175 -64.46 24.40 25.17
N GLY B 176 -63.74 23.46 25.73
CA GLY B 176 -62.32 23.34 25.44
C GLY B 176 -61.96 22.09 24.65
N GLY B 177 -60.73 21.68 24.84
CA GLY B 177 -60.16 20.55 24.15
C GLY B 177 -58.68 20.48 24.43
N VAL B 178 -57.89 20.22 23.37
CA VAL B 178 -56.46 20.02 23.44
C VAL B 178 -55.83 20.63 22.21
N ALA B 179 -54.56 21.00 22.29
CA ALA B 179 -53.85 21.54 21.16
C ALA B 179 -52.39 21.15 21.27
N MET B 180 -51.70 21.18 20.16
CA MET B 180 -50.29 20.83 20.20
C MET B 180 -49.55 21.41 19.03
N GLY B 181 -48.28 21.68 19.24
CA GLY B 181 -47.40 22.16 18.19
C GLY B 181 -46.24 21.21 18.13
N MET B 182 -45.75 20.94 16.93
CA MET B 182 -44.60 20.05 16.78
C MET B 182 -43.78 20.52 15.59
N TYR B 183 -42.58 19.98 15.41
CA TYR B 183 -41.70 20.42 14.35
C TYR B 183 -40.68 19.34 13.96
N ASN B 184 -39.98 19.58 12.88
CA ASN B 184 -38.82 18.83 12.47
C ASN B 184 -37.81 19.79 11.81
N GLN B 185 -36.53 19.40 11.73
CA GLN B 185 -35.45 20.18 11.15
C GLN B 185 -34.99 19.57 9.85
N ASP B 186 -34.73 20.41 8.85
CA ASP B 186 -34.21 19.97 7.55
C ASP B 186 -32.95 19.10 7.65
N LYS B 187 -32.00 19.53 8.47
CA LYS B 187 -30.74 18.82 8.65
C LYS B 187 -30.97 17.38 9.18
N SER B 188 -31.90 17.22 10.15
CA SER B 188 -32.25 15.92 10.73
C SER B 188 -32.93 15.03 9.67
N ILE B 189 -33.80 15.61 8.82
CA ILE B 189 -34.48 14.89 7.74
C ILE B 189 -33.48 14.41 6.68
N GLU B 190 -32.50 15.27 6.36
CA GLU B 190 -31.43 14.98 5.41
C GLU B 190 -30.60 13.80 5.92
N ASP B 191 -30.23 13.80 7.21
CA ASP B 191 -29.46 12.74 7.87
C ASP B 191 -30.27 11.43 7.83
N PHE B 192 -31.60 11.52 8.04
CA PHE B 192 -32.55 10.40 7.99
C PHE B 192 -32.57 9.79 6.58
N ALA B 193 -32.66 10.62 5.53
CA ALA B 193 -32.60 10.17 4.13
C ALA B 193 -31.29 9.43 3.83
N HIS B 194 -30.15 10.05 4.12
CA HIS B 194 -28.83 9.47 3.88
C HIS B 194 -28.69 8.10 4.51
N SER B 195 -29.04 7.97 5.81
CA SER B 195 -28.98 6.71 6.55
C SER B 195 -29.89 5.63 5.93
N SER B 196 -31.06 6.05 5.45
CA SER B 196 -32.04 5.16 4.81
C SER B 196 -31.50 4.59 3.49
N PHE B 197 -31.01 5.46 2.59
CA PHE B 197 -30.44 5.05 1.30
C PHE B 197 -29.22 4.16 1.50
N GLN B 198 -28.31 4.54 2.42
CA GLN B 198 -27.12 3.76 2.74
C GLN B 198 -27.47 2.38 3.28
N MET B 199 -28.51 2.27 4.16
CA MET B 199 -28.91 0.97 4.70
C MET B 199 -29.45 0.07 3.58
N ALA B 200 -30.27 0.64 2.68
CA ALA B 200 -30.82 -0.08 1.55
C ALA B 200 -29.69 -0.60 0.62
N LEU B 201 -28.69 0.25 0.37
CA LEU B 201 -27.53 -0.09 -0.44
C LEU B 201 -26.66 -1.19 0.20
N SER B 202 -26.47 -1.16 1.53
CA SER B 202 -25.69 -2.17 2.24
C SER B 202 -26.37 -3.57 2.24
N LYS B 203 -27.73 -3.63 2.34
CA LYS B 203 -28.50 -4.86 2.31
C LYS B 203 -28.86 -5.31 0.89
N GLY B 204 -28.79 -4.40 -0.08
CA GLY B 204 -29.17 -4.65 -1.46
C GLY B 204 -30.67 -4.84 -1.62
N TRP B 205 -31.46 -4.11 -0.82
CA TRP B 205 -32.93 -4.19 -0.87
C TRP B 205 -33.54 -2.86 -1.27
N PRO B 206 -34.78 -2.84 -1.83
CA PRO B 206 -35.40 -1.54 -2.11
C PRO B 206 -35.80 -0.81 -0.84
N LEU B 207 -36.00 0.50 -0.96
CA LEU B 207 -36.36 1.40 0.13
C LEU B 207 -37.71 2.05 -0.14
N TYR B 208 -38.56 2.06 0.86
CA TYR B 208 -39.83 2.75 0.83
C TYR B 208 -39.87 3.74 2.01
N LEU B 209 -40.26 5.00 1.73
CA LEU B 209 -40.54 6.02 2.76
C LEU B 209 -42.05 6.15 2.83
N SER B 210 -42.59 6.15 4.02
CA SER B 210 -44.02 6.38 4.22
C SER B 210 -44.27 7.75 4.86
N THR B 211 -45.27 8.47 4.32
CA THR B 211 -45.73 9.73 4.87
C THR B 211 -47.25 9.83 4.63
N LYS B 212 -47.85 10.94 5.10
CA LYS B 212 -49.25 11.24 4.83
C LYS B 212 -49.26 12.64 4.17
N ASN B 213 -48.41 12.84 3.13
CA ASN B 213 -48.27 14.14 2.43
C ASN B 213 -49.56 14.61 1.70
N THR B 214 -50.57 13.74 1.53
CA THR B 214 -51.86 14.12 0.93
C THR B 214 -52.67 14.97 1.93
N ILE B 215 -52.39 14.80 3.22
CA ILE B 215 -53.05 15.50 4.31
C ILE B 215 -52.13 16.58 4.86
N LEU B 216 -50.89 16.20 5.24
CA LEU B 216 -49.90 17.17 5.74
C LEU B 216 -48.99 17.56 4.59
N LYS B 217 -49.52 18.38 3.70
CA LYS B 217 -48.87 18.79 2.46
C LYS B 217 -47.52 19.50 2.62
N LYS B 218 -47.37 20.30 3.69
CA LYS B 218 -46.10 20.99 3.91
C LYS B 218 -45.22 20.17 4.79
N TYR B 219 -45.77 19.64 5.90
CA TYR B 219 -44.98 18.88 6.87
C TYR B 219 -44.43 17.59 6.26
N ASP B 220 -45.32 16.68 5.83
CA ASP B 220 -44.91 15.41 5.20
C ASP B 220 -44.33 15.61 3.81
N GLY B 221 -44.83 16.63 3.10
CA GLY B 221 -44.29 16.99 1.78
C GLY B 221 -42.81 17.32 1.83
N ARG B 222 -42.35 17.89 2.95
CA ARG B 222 -40.91 18.20 3.08
C ARG B 222 -40.03 16.93 3.15
N PHE B 223 -40.48 15.91 3.91
CA PHE B 223 -39.79 14.63 4.02
C PHE B 223 -39.70 13.98 2.65
N LYS B 224 -40.82 13.96 1.91
CA LYS B 224 -40.89 13.41 0.53
C LYS B 224 -39.93 14.14 -0.41
N ASP B 225 -39.92 15.49 -0.37
CA ASP B 225 -39.05 16.34 -1.20
C ASP B 225 -37.56 16.13 -0.89
N ILE B 226 -37.19 16.13 0.39
CA ILE B 226 -35.79 15.93 0.81
C ILE B 226 -35.29 14.52 0.36
N PHE B 227 -36.09 13.47 0.61
CA PHE B 227 -35.72 12.11 0.17
C PHE B 227 -35.52 12.01 -1.34
N GLN B 228 -36.49 12.48 -2.14
CA GLN B 228 -36.42 12.44 -3.60
C GLN B 228 -35.22 13.19 -4.17
N GLU B 229 -34.93 14.39 -3.65
CA GLU B 229 -33.82 15.22 -4.11
C GLU B 229 -32.50 14.52 -3.83
N ILE B 230 -32.33 13.99 -2.61
CA ILE B 230 -31.10 13.30 -2.21
C ILE B 230 -30.90 12.04 -3.05
N TYR B 231 -31.99 11.28 -3.30
CA TYR B 231 -31.97 10.09 -4.15
C TYR B 231 -31.52 10.44 -5.58
N ASP B 232 -32.15 11.47 -6.19
CA ASP B 232 -31.86 11.89 -7.57
C ASP B 232 -30.44 12.36 -7.77
N LYS B 233 -29.93 13.09 -6.80
CA LYS B 233 -28.61 13.69 -6.92
C LYS B 233 -27.47 12.79 -6.45
N GLN B 234 -27.72 11.91 -5.48
CA GLN B 234 -26.63 11.15 -4.87
C GLN B 234 -26.73 9.62 -4.87
N TYR B 235 -27.95 9.04 -4.96
CA TYR B 235 -28.03 7.60 -4.80
C TYR B 235 -28.61 6.81 -5.98
N LYS B 236 -29.35 7.48 -6.90
CA LYS B 236 -30.04 6.84 -8.01
C LYS B 236 -29.18 5.79 -8.77
N SER B 237 -27.98 6.16 -9.26
CA SER B 237 -27.12 5.23 -10.01
C SER B 237 -26.64 4.04 -9.15
N GLN B 238 -26.50 4.26 -7.84
CA GLN B 238 -26.12 3.21 -6.91
C GLN B 238 -27.25 2.18 -6.81
N PHE B 239 -28.51 2.66 -6.67
CA PHE B 239 -29.70 1.79 -6.60
C PHE B 239 -29.85 0.97 -7.89
N GLU B 240 -29.69 1.63 -9.06
CA GLU B 240 -29.79 1.04 -10.39
C GLU B 240 -28.75 -0.07 -10.60
N ALA B 241 -27.50 0.15 -10.14
CA ALA B 241 -26.40 -0.82 -10.21
C ALA B 241 -26.72 -2.09 -9.42
N GLN B 242 -27.52 -1.97 -8.33
CA GLN B 242 -27.92 -3.15 -7.56
C GLN B 242 -29.31 -3.66 -7.93
N LYS B 243 -29.94 -3.06 -8.95
CA LYS B 243 -31.29 -3.39 -9.43
C LYS B 243 -32.37 -3.25 -8.32
N ILE B 244 -32.17 -2.25 -7.46
CA ILE B 244 -33.10 -1.93 -6.37
C ILE B 244 -33.70 -0.56 -6.68
N TRP B 245 -34.69 -0.11 -5.89
CA TRP B 245 -35.35 1.16 -6.15
C TRP B 245 -35.74 1.87 -4.86
N TYR B 246 -36.05 3.16 -4.97
CA TYR B 246 -36.58 3.95 -3.88
C TYR B 246 -37.94 4.46 -4.32
N GLU B 247 -38.99 4.31 -3.48
CA GLU B 247 -40.32 4.85 -3.77
C GLU B 247 -40.96 5.39 -2.49
N HIS B 248 -41.67 6.53 -2.63
CA HIS B 248 -42.48 7.12 -1.57
C HIS B 248 -43.85 6.40 -1.59
N ARG B 249 -44.44 6.13 -0.40
CA ARG B 249 -45.79 5.54 -0.29
C ARG B 249 -46.57 6.28 0.78
N LEU B 250 -47.91 6.34 0.65
CA LEU B 250 -48.78 6.84 1.70
C LEU B 250 -48.74 5.80 2.78
N ILE B 251 -48.67 6.24 4.06
CA ILE B 251 -48.55 5.35 5.22
C ILE B 251 -49.63 4.24 5.24
N ASP B 252 -50.93 4.59 4.99
CA ASP B 252 -52.03 3.61 5.01
C ASP B 252 -51.87 2.61 3.86
N ASP B 253 -51.35 3.03 2.69
CA ASP B 253 -51.06 2.09 1.60
C ASP B 253 -49.87 1.19 1.99
N MET B 254 -48.84 1.80 2.58
CA MET B 254 -47.62 1.09 2.98
C MET B 254 -47.88 -0.03 3.99
N VAL B 255 -48.72 0.20 5.02
CA VAL B 255 -48.98 -0.83 6.03
C VAL B 255 -49.65 -2.08 5.42
N ALA B 256 -50.55 -1.86 4.42
CA ALA B 256 -51.25 -2.92 3.71
C ALA B 256 -50.25 -3.62 2.80
N GLN B 257 -49.43 -2.84 2.07
CA GLN B 257 -48.39 -3.38 1.18
C GLN B 257 -47.40 -4.25 1.97
N ALA B 258 -46.97 -3.79 3.18
CA ALA B 258 -46.04 -4.54 4.02
C ALA B 258 -46.68 -5.85 4.53
N MET B 259 -47.91 -5.77 5.02
CA MET B 259 -48.70 -6.91 5.49
C MET B 259 -48.76 -8.04 4.42
N LYS B 260 -48.96 -7.71 3.12
CA LYS B 260 -49.06 -8.71 2.06
C LYS B 260 -47.75 -8.99 1.32
N SER B 261 -46.63 -8.37 1.72
CA SER B 261 -45.36 -8.60 1.03
C SER B 261 -44.70 -9.90 1.48
N GLU B 262 -43.55 -10.18 0.89
CA GLU B 262 -42.71 -11.31 1.29
C GLU B 262 -41.51 -10.82 2.13
N GLY B 263 -41.55 -9.55 2.53
CA GLY B 263 -40.47 -8.88 3.25
C GLY B 263 -39.35 -8.50 2.30
N GLY B 264 -38.13 -8.31 2.82
CA GLY B 264 -36.99 -7.95 1.98
C GLY B 264 -36.96 -6.51 1.52
N PHE B 265 -37.15 -5.56 2.45
CA PHE B 265 -37.07 -4.15 2.10
C PHE B 265 -36.74 -3.32 3.31
N ILE B 266 -36.31 -2.09 3.05
CA ILE B 266 -36.06 -1.08 4.06
C ILE B 266 -37.29 -0.17 4.08
N TRP B 267 -37.81 0.05 5.26
CA TRP B 267 -38.97 0.90 5.47
C TRP B 267 -38.57 2.13 6.32
N ALA B 268 -38.35 3.26 5.66
CA ALA B 268 -38.06 4.55 6.31
C ALA B 268 -39.38 5.10 6.90
N CYS B 269 -39.44 5.21 8.21
CA CYS B 269 -40.62 5.66 8.97
C CYS B 269 -40.28 6.96 9.68
N LYS B 270 -41.26 7.87 9.72
CA LYS B 270 -41.21 9.08 10.53
C LYS B 270 -41.26 8.56 11.98
N ASN B 271 -40.80 9.36 12.96
CA ASN B 271 -40.67 8.99 14.38
C ASN B 271 -41.84 8.16 14.94
N TYR B 272 -43.08 8.71 14.89
CA TYR B 272 -44.28 8.04 15.36
C TYR B 272 -44.57 6.71 14.67
N ASP B 273 -44.56 6.71 13.33
CA ASP B 273 -44.82 5.48 12.57
C ASP B 273 -43.80 4.40 12.84
N GLY B 274 -42.54 4.80 13.00
CA GLY B 274 -41.45 3.88 13.30
C GLY B 274 -41.68 3.18 14.61
N ASP B 275 -42.14 3.92 15.62
CA ASP B 275 -42.47 3.40 16.93
C ASP B 275 -43.62 2.38 16.85
N VAL B 276 -44.74 2.75 16.26
CA VAL B 276 -45.91 1.86 16.16
C VAL B 276 -45.67 0.62 15.26
N GLN B 277 -45.23 0.84 14.02
CA GLN B 277 -45.03 -0.22 13.02
C GLN B 277 -43.92 -1.21 13.38
N SER B 278 -42.84 -0.74 14.06
CA SER B 278 -41.81 -1.68 14.45
C SER B 278 -42.39 -2.72 15.46
N ASP B 279 -43.33 -2.31 16.34
CA ASP B 279 -43.98 -3.26 17.25
C ASP B 279 -44.91 -4.24 16.55
N SER B 280 -45.65 -3.73 15.55
CA SER B 280 -46.56 -4.55 14.75
C SER B 280 -45.71 -5.59 13.93
N VAL B 281 -44.61 -5.13 13.32
CA VAL B 281 -43.67 -5.99 12.57
C VAL B 281 -43.01 -7.04 13.51
N ALA B 282 -42.47 -6.61 14.67
CA ALA B 282 -41.84 -7.52 15.65
C ALA B 282 -42.83 -8.64 16.05
N GLN B 283 -44.09 -8.27 16.39
CA GLN B 283 -45.11 -9.25 16.74
C GLN B 283 -45.46 -10.21 15.58
N GLY B 284 -45.54 -9.66 14.36
CA GLY B 284 -45.83 -10.39 13.15
C GLY B 284 -44.83 -11.51 12.89
N TYR B 285 -43.53 -11.24 13.15
CA TYR B 285 -42.48 -12.23 13.05
C TYR B 285 -42.53 -13.23 14.23
N GLY B 286 -43.12 -12.86 15.36
CA GLY B 286 -43.28 -13.78 16.50
C GLY B 286 -43.26 -13.22 17.91
N SER B 287 -42.27 -12.39 18.24
CA SER B 287 -42.14 -11.86 19.59
C SER B 287 -41.49 -10.49 19.65
N LEU B 288 -41.97 -9.62 20.58
CA LEU B 288 -41.37 -8.30 20.85
C LEU B 288 -40.01 -8.48 21.55
N GLY B 289 -39.81 -9.63 22.19
CA GLY B 289 -38.51 -9.94 22.76
C GLY B 289 -37.47 -10.29 21.70
N MET B 290 -37.87 -10.36 20.42
CA MET B 290 -37.00 -10.80 19.31
C MET B 290 -36.76 -9.73 18.25
N MET B 291 -36.25 -8.58 18.68
CA MET B 291 -36.03 -7.44 17.78
C MET B 291 -34.84 -6.61 18.21
N THR B 292 -33.99 -6.24 17.26
CA THR B 292 -32.84 -5.39 17.51
C THR B 292 -33.31 -3.92 17.36
N SER B 293 -32.61 -3.02 18.03
CA SER B 293 -32.88 -1.58 17.95
C SER B 293 -31.56 -0.84 18.04
N VAL B 294 -31.16 -0.22 16.97
CA VAL B 294 -29.87 0.44 16.95
C VAL B 294 -30.00 1.88 16.42
N LEU B 295 -29.75 2.86 17.27
CA LEU B 295 -29.69 4.27 16.89
C LEU B 295 -28.34 4.59 16.16
N VAL B 296 -28.42 4.90 14.87
CA VAL B 296 -27.25 5.27 14.05
C VAL B 296 -27.22 6.80 14.00
N CYS B 297 -26.22 7.43 14.64
CA CYS B 297 -26.16 8.89 14.75
C CYS B 297 -25.66 9.57 13.48
N PRO B 298 -25.96 10.89 13.26
CA PRO B 298 -25.53 11.55 12.02
C PRO B 298 -24.03 11.70 11.81
N ASP B 299 -23.19 11.57 12.87
CA ASP B 299 -21.71 11.68 12.73
C ASP B 299 -21.07 10.47 12.01
N GLY B 300 -21.85 9.40 11.81
CA GLY B 300 -21.38 8.15 11.20
C GLY B 300 -20.38 7.39 12.06
N LYS B 301 -20.30 7.74 13.35
CA LYS B 301 -19.36 7.16 14.29
C LYS B 301 -20.02 6.69 15.58
N THR B 302 -21.12 7.33 15.98
CA THR B 302 -21.78 7.06 17.25
C THR B 302 -23.03 6.19 17.08
N VAL B 303 -23.17 5.17 17.96
CA VAL B 303 -24.36 4.33 18.02
C VAL B 303 -24.82 4.15 19.46
N GLU B 304 -26.12 3.87 19.60
CA GLU B 304 -26.70 3.48 20.85
C GLU B 304 -27.61 2.27 20.55
N ALA B 305 -27.32 1.13 21.13
CA ALA B 305 -28.14 -0.08 20.91
C ALA B 305 -28.94 -0.26 22.16
N GLU B 306 -30.18 -0.72 22.03
CA GLU B 306 -31.08 -0.88 23.18
C GLU B 306 -32.03 -2.05 22.95
N ALA B 307 -32.72 -2.48 24.01
CA ALA B 307 -33.78 -3.46 23.86
C ALA B 307 -35.00 -2.53 23.68
N ALA B 308 -35.58 -2.52 22.47
CA ALA B 308 -36.73 -1.67 22.08
C ALA B 308 -38.03 -1.90 22.85
N HIS B 309 -38.21 -3.08 23.46
CA HIS B 309 -39.41 -3.40 24.23
C HIS B 309 -39.39 -2.71 25.61
N GLY B 310 -40.42 -2.92 26.41
CA GLY B 310 -40.52 -2.34 27.75
C GLY B 310 -39.82 -3.14 28.84
N THR B 311 -40.21 -2.87 30.11
CA THR B 311 -39.59 -3.42 31.31
C THR B 311 -40.23 -4.70 31.80
N VAL B 312 -41.31 -5.16 31.12
CA VAL B 312 -42.02 -6.44 31.42
C VAL B 312 -42.54 -6.49 32.88
N THR B 313 -43.40 -5.51 33.25
CA THR B 313 -43.96 -5.32 34.59
C THR B 313 -44.73 -6.54 35.09
N ARG B 314 -45.59 -7.17 34.25
CA ARG B 314 -46.32 -8.38 34.65
C ARG B 314 -45.36 -9.44 35.19
N HIS B 315 -44.22 -9.67 34.51
CA HIS B 315 -43.20 -10.63 34.96
C HIS B 315 -42.58 -10.20 36.24
N TYR B 316 -42.22 -8.90 36.34
CA TYR B 316 -41.60 -8.35 37.55
C TYR B 316 -42.50 -8.52 38.78
N ARG B 317 -43.84 -8.43 38.59
CA ARG B 317 -44.80 -8.60 39.69
C ARG B 317 -44.80 -10.03 40.20
N MET B 318 -44.87 -11.02 39.27
CA MET B 318 -44.83 -12.44 39.59
C MET B 318 -43.53 -12.74 40.34
N TYR B 319 -42.42 -12.16 39.83
CA TYR B 319 -41.08 -12.28 40.39
C TYR B 319 -41.01 -11.76 41.82
N GLN B 320 -41.67 -10.63 42.08
CA GLN B 320 -41.73 -10.00 43.40
C GLN B 320 -42.57 -10.85 44.35
N LYS B 321 -43.58 -11.58 43.82
CA LYS B 321 -44.45 -12.48 44.57
C LYS B 321 -43.76 -13.87 44.76
N GLY B 322 -42.50 -13.97 44.34
CA GLY B 322 -41.72 -15.19 44.46
C GLY B 322 -42.12 -16.29 43.49
N GLN B 323 -42.83 -15.92 42.40
CA GLN B 323 -43.25 -16.86 41.36
C GLN B 323 -42.15 -16.97 40.31
N GLU B 324 -42.13 -18.13 39.62
CA GLU B 324 -41.22 -18.45 38.53
C GLU B 324 -41.66 -17.63 37.32
N THR B 325 -40.69 -17.05 36.61
CA THR B 325 -40.89 -16.24 35.41
C THR B 325 -39.99 -16.76 34.29
N SER B 326 -40.36 -16.47 33.07
CA SER B 326 -39.65 -16.86 31.86
C SER B 326 -39.69 -15.66 30.92
N THR B 327 -38.69 -14.78 31.08
CA THR B 327 -38.61 -13.55 30.28
C THR B 327 -37.52 -13.70 29.23
N ASN B 328 -37.85 -13.41 27.99
CA ASN B 328 -36.98 -13.45 26.83
C ASN B 328 -35.84 -12.38 26.93
N PRO B 329 -34.57 -12.79 27.17
CA PRO B 329 -33.49 -11.79 27.30
C PRO B 329 -32.81 -11.46 25.96
N ILE B 330 -33.27 -12.05 24.84
CA ILE B 330 -32.57 -11.96 23.54
C ILE B 330 -32.37 -10.52 23.05
N ALA B 331 -33.45 -9.68 23.08
CA ALA B 331 -33.33 -8.28 22.62
C ALA B 331 -32.31 -7.50 23.52
N SER B 332 -32.26 -7.76 24.84
CA SER B 332 -31.29 -7.13 25.74
C SER B 332 -29.87 -7.62 25.41
N ILE B 333 -29.70 -8.93 25.06
CA ILE B 333 -28.41 -9.47 24.67
C ILE B 333 -27.94 -8.81 23.37
N PHE B 334 -28.85 -8.60 22.40
CA PHE B 334 -28.47 -8.00 21.13
C PHE B 334 -28.13 -6.52 21.26
N ALA B 335 -28.63 -5.84 22.32
CA ALA B 335 -28.24 -4.46 22.61
C ALA B 335 -26.70 -4.54 22.89
N TRP B 336 -26.27 -5.49 23.75
CA TRP B 336 -24.82 -5.70 24.01
C TRP B 336 -24.01 -6.09 22.77
N THR B 337 -24.47 -7.08 22.00
CA THR B 337 -23.72 -7.50 20.80
C THR B 337 -23.67 -6.44 19.72
N ARG B 338 -24.76 -5.71 19.49
CA ARG B 338 -24.74 -4.67 18.43
C ARG B 338 -23.81 -3.52 18.86
N GLY B 339 -23.84 -3.17 20.15
CA GLY B 339 -22.96 -2.15 20.71
C GLY B 339 -21.49 -2.58 20.63
N LEU B 340 -21.20 -3.85 21.01
CA LEU B 340 -19.83 -4.37 20.94
C LEU B 340 -19.33 -4.55 19.53
N ALA B 341 -20.23 -4.90 18.58
CA ALA B 341 -19.84 -5.04 17.17
C ALA B 341 -19.42 -3.67 16.64
N HIS B 342 -20.11 -2.60 17.06
CA HIS B 342 -19.78 -1.24 16.60
C HIS B 342 -18.44 -0.80 17.19
N ARG B 343 -18.24 -1.09 18.48
CA ARG B 343 -16.99 -0.84 19.22
C ARG B 343 -15.80 -1.48 18.49
N ALA B 344 -15.96 -2.77 18.09
CA ALA B 344 -14.94 -3.54 17.36
C ALA B 344 -14.62 -2.90 16.05
N LYS B 345 -15.66 -2.39 15.33
CA LYS B 345 -15.50 -1.73 14.03
C LYS B 345 -14.71 -0.42 14.17
N LEU B 346 -15.01 0.41 15.19
CA LEU B 346 -14.28 1.66 15.45
C LEU B 346 -12.83 1.38 15.86
N ASP B 347 -12.61 0.30 16.62
CA ASP B 347 -11.29 -0.02 17.14
C ASP B 347 -10.48 -1.00 16.27
N ASN B 348 -11.07 -1.52 15.16
CA ASN B 348 -10.45 -2.54 14.29
C ASN B 348 -10.07 -3.78 15.12
N ASN B 349 -10.96 -4.16 16.03
CA ASN B 349 -10.75 -5.25 16.97
C ASN B 349 -11.44 -6.53 16.47
N LYS B 350 -10.65 -7.40 15.83
CA LYS B 350 -11.11 -8.68 15.25
C LYS B 350 -11.69 -9.62 16.28
N GLU B 351 -11.02 -9.76 17.42
CA GLU B 351 -11.44 -10.64 18.53
C GLU B 351 -12.80 -10.18 19.09
N LEU B 352 -13.01 -8.85 19.26
CA LEU B 352 -14.29 -8.34 19.77
C LEU B 352 -15.38 -8.55 18.73
N ALA B 353 -15.08 -8.33 17.41
CA ALA B 353 -16.06 -8.55 16.34
C ALA B 353 -16.47 -10.05 16.32
N PHE B 354 -15.50 -10.97 16.53
CA PHE B 354 -15.75 -12.41 16.57
C PHE B 354 -16.68 -12.74 17.72
N PHE B 355 -16.35 -12.23 18.94
CA PHE B 355 -17.18 -12.44 20.13
C PHE B 355 -18.63 -11.98 19.95
N ALA B 356 -18.84 -10.72 19.46
CA ALA B 356 -20.17 -10.13 19.27
C ALA B 356 -21.04 -11.00 18.36
N ASN B 357 -20.50 -11.42 17.20
CA ASN B 357 -21.21 -12.32 16.29
C ASN B 357 -21.44 -13.70 16.93
N ALA B 358 -20.43 -14.24 17.66
CA ALA B 358 -20.57 -15.56 18.28
C ALA B 358 -21.72 -15.57 19.25
N LEU B 359 -21.90 -14.48 20.04
CA LEU B 359 -22.99 -14.43 21.02
C LEU B 359 -24.38 -14.34 20.33
N GLU B 360 -24.44 -13.71 19.15
CA GLU B 360 -25.69 -13.66 18.38
C GLU B 360 -26.03 -15.06 17.83
N GLU B 361 -25.02 -15.79 17.35
CA GLU B 361 -25.17 -17.16 16.81
C GLU B 361 -25.63 -18.08 17.91
N VAL B 362 -25.01 -18.00 19.11
CA VAL B 362 -25.35 -18.78 20.29
C VAL B 362 -26.83 -18.56 20.67
N SER B 363 -27.27 -17.29 20.73
CA SER B 363 -28.65 -16.93 21.07
C SER B 363 -29.65 -17.63 20.12
N ILE B 364 -29.44 -17.48 18.79
CA ILE B 364 -30.31 -18.05 17.77
C ILE B 364 -30.23 -19.59 17.81
N GLU B 365 -29.00 -20.16 17.87
CA GLU B 365 -28.81 -21.63 17.88
C GLU B 365 -29.43 -22.28 19.13
N THR B 366 -29.45 -21.59 20.28
CA THR B 366 -30.06 -22.13 21.52
C THR B 366 -31.56 -22.30 21.32
N ILE B 367 -32.21 -21.24 20.80
CA ILE B 367 -33.65 -21.26 20.52
C ILE B 367 -33.96 -22.36 19.47
N GLU B 368 -33.16 -22.43 18.40
CA GLU B 368 -33.32 -23.41 17.32
C GLU B 368 -33.12 -24.86 17.79
N ALA B 369 -32.40 -25.07 18.92
CA ALA B 369 -32.17 -26.39 19.53
C ALA B 369 -33.35 -26.78 20.46
N GLY B 370 -34.36 -25.93 20.51
CA GLY B 370 -35.57 -26.17 21.29
C GLY B 370 -35.58 -25.64 22.70
N PHE B 371 -34.56 -24.83 23.09
CA PHE B 371 -34.43 -24.24 24.44
C PHE B 371 -34.85 -22.79 24.37
N MET B 372 -36.00 -22.48 24.99
CA MET B 372 -36.56 -21.14 24.82
C MET B 372 -37.44 -20.73 25.97
N THR B 373 -37.78 -19.43 26.01
CA THR B 373 -38.64 -18.86 27.03
C THR B 373 -40.13 -19.05 26.62
N LYS B 374 -41.05 -18.86 27.58
CA LYS B 374 -42.51 -19.05 27.43
C LYS B 374 -43.16 -18.38 26.21
N ASP B 375 -42.77 -17.12 25.86
CA ASP B 375 -43.29 -16.36 24.72
C ASP B 375 -43.04 -17.11 23.42
N LEU B 376 -41.84 -17.71 23.30
CA LEU B 376 -41.45 -18.42 22.10
C LEU B 376 -42.08 -19.79 22.06
N ALA B 377 -42.23 -20.44 23.23
CA ALA B 377 -42.91 -21.73 23.29
C ALA B 377 -44.39 -21.54 22.85
N ALA B 378 -44.99 -20.34 23.16
CA ALA B 378 -46.35 -19.95 22.79
C ALA B 378 -46.49 -19.73 21.29
N CYS B 379 -45.44 -19.21 20.61
CA CYS B 379 -45.45 -19.08 19.13
C CYS B 379 -45.62 -20.45 18.49
N ILE B 380 -44.94 -21.47 19.03
CA ILE B 380 -44.96 -22.83 18.50
C ILE B 380 -46.25 -23.58 18.83
N LYS B 381 -46.67 -23.58 20.10
CA LYS B 381 -47.78 -24.40 20.55
C LYS B 381 -49.12 -23.72 20.77
N GLY B 382 -49.11 -22.38 20.77
CA GLY B 382 -50.28 -21.57 21.09
C GLY B 382 -50.28 -21.45 22.59
N LEU B 383 -50.47 -20.23 23.13
CA LEU B 383 -50.44 -19.99 24.58
C LEU B 383 -51.30 -21.00 25.41
N PRO B 384 -52.55 -21.36 25.02
CA PRO B 384 -53.33 -22.32 25.84
C PRO B 384 -52.73 -23.72 25.98
N ASN B 385 -51.98 -24.19 24.96
CA ASN B 385 -51.42 -25.55 24.89
C ASN B 385 -49.97 -25.69 25.42
N VAL B 386 -49.37 -24.59 25.90
CA VAL B 386 -48.03 -24.60 26.48
C VAL B 386 -48.06 -25.22 27.88
N GLN B 387 -47.18 -26.17 28.14
CA GLN B 387 -46.95 -26.83 29.43
C GLN B 387 -45.54 -26.40 29.90
N ARG B 388 -45.24 -26.61 31.20
CA ARG B 388 -43.96 -26.24 31.82
C ARG B 388 -42.74 -26.83 31.12
N SER B 389 -42.85 -28.10 30.66
CA SER B 389 -41.81 -28.86 29.97
C SER B 389 -41.38 -28.28 28.61
N ASP B 390 -42.18 -27.36 28.02
CA ASP B 390 -41.90 -26.73 26.70
C ASP B 390 -40.98 -25.51 26.78
N TYR B 391 -40.76 -24.97 27.97
CA TYR B 391 -39.93 -23.77 28.08
C TYR B 391 -38.99 -23.81 29.27
N LEU B 392 -38.10 -22.84 29.32
CA LEU B 392 -37.14 -22.68 30.41
C LEU B 392 -37.45 -21.39 31.13
N ASN B 393 -37.26 -21.37 32.47
CA ASN B 393 -37.42 -20.12 33.21
C ASN B 393 -36.26 -19.19 32.85
N THR B 394 -36.27 -17.92 33.27
CA THR B 394 -35.21 -16.98 32.88
C THR B 394 -33.80 -17.46 33.28
N PHE B 395 -33.66 -18.04 34.52
CA PHE B 395 -32.35 -18.54 34.99
C PHE B 395 -31.85 -19.72 34.15
N GLU B 396 -32.70 -20.74 33.89
CA GLU B 396 -32.40 -21.93 33.08
C GLU B 396 -32.02 -21.52 31.66
N PHE B 397 -32.76 -20.56 31.07
CA PHE B 397 -32.44 -20.07 29.73
C PHE B 397 -31.03 -19.44 29.67
N MET B 398 -30.72 -18.52 30.62
CA MET B 398 -29.41 -17.85 30.73
C MET B 398 -28.27 -18.87 30.91
N ASP B 399 -28.50 -19.96 31.70
CA ASP B 399 -27.50 -21.01 31.91
C ASP B 399 -27.20 -21.74 30.59
N LYS B 400 -28.24 -22.02 29.78
CA LYS B 400 -28.07 -22.68 28.48
C LYS B 400 -27.27 -21.81 27.51
N LEU B 401 -27.60 -20.49 27.43
CA LEU B 401 -26.86 -19.54 26.59
C LEU B 401 -25.40 -19.50 27.05
N GLY B 402 -25.19 -19.40 28.37
CA GLY B 402 -23.86 -19.40 28.99
C GLY B 402 -23.02 -20.61 28.64
N GLU B 403 -23.60 -21.82 28.76
CA GLU B 403 -22.92 -23.06 28.41
C GLU B 403 -22.63 -23.09 26.89
N ASN B 404 -23.61 -22.68 26.04
CA ASN B 404 -23.36 -22.68 24.60
C ASN B 404 -22.32 -21.66 24.15
N LEU B 405 -22.26 -20.51 24.86
CA LEU B 405 -21.27 -19.47 24.54
C LEU B 405 -19.87 -19.99 24.90
N LYS B 406 -19.72 -20.63 26.06
CA LYS B 406 -18.44 -21.22 26.49
C LYS B 406 -17.94 -22.22 25.42
N ILE B 407 -18.84 -23.08 24.91
CA ILE B 407 -18.53 -24.08 23.88
C ILE B 407 -18.07 -23.44 22.58
N LYS B 408 -18.82 -22.46 22.06
CA LYS B 408 -18.52 -21.80 20.77
C LYS B 408 -17.17 -21.08 20.82
N LEU B 409 -16.88 -20.40 21.92
CA LEU B 409 -15.61 -19.66 22.05
C LEU B 409 -14.40 -20.61 22.24
N ALA B 410 -14.58 -21.70 23.00
CA ALA B 410 -13.51 -22.71 23.22
C ALA B 410 -13.24 -23.45 21.92
N GLN B 411 -14.26 -23.80 21.12
CA GLN B 411 -14.02 -24.45 19.83
C GLN B 411 -13.36 -23.53 18.80
N ALA B 412 -13.70 -22.22 18.81
CA ALA B 412 -13.08 -21.24 17.89
C ALA B 412 -11.58 -21.06 18.24
N LYS B 413 -11.27 -21.04 19.54
CA LYS B 413 -9.92 -20.89 20.07
C LYS B 413 -9.08 -22.10 19.61
N LEU B 414 -9.58 -23.33 19.89
CA LEU B 414 -8.95 -24.59 19.49
C LEU B 414 -8.70 -24.63 17.98
N SER B 415 -9.66 -24.14 17.17
CA SER B 415 -9.57 -24.09 15.71
C SER B 415 -8.42 -23.20 15.19
N LEU B 416 -8.11 -22.07 15.89
CA LEU B 416 -7.02 -21.15 15.54
C LEU B 416 -5.66 -21.82 15.76
N GLU B 417 -5.53 -22.57 16.87
CA GLU B 417 -4.33 -23.33 17.28
C GLU B 417 -3.93 -24.40 16.25
N HIS B 418 -4.92 -25.04 15.59
CA HIS B 418 -4.75 -26.11 14.61
C HIS B 418 -4.44 -25.55 13.21
N LYS C 3 66.46 -3.23 -14.99
CA LYS C 3 65.83 -2.40 -13.97
C LYS C 3 64.31 -2.27 -14.19
N LYS C 4 63.53 -2.70 -13.17
CA LYS C 4 62.07 -2.61 -13.15
C LYS C 4 61.64 -1.25 -12.56
N ILE C 5 60.38 -0.82 -12.82
CA ILE C 5 59.83 0.44 -12.27
C ILE C 5 59.67 0.25 -10.74
N SER C 6 60.10 1.26 -9.95
CA SER C 6 59.98 1.22 -8.48
C SER C 6 58.57 1.65 -8.07
N GLY C 7 57.68 0.66 -8.00
CA GLY C 7 56.25 0.82 -7.72
C GLY C 7 55.80 1.32 -6.36
N GLY C 8 56.56 1.06 -5.30
CA GLY C 8 56.16 1.46 -3.95
C GLY C 8 55.18 0.50 -3.28
N SER C 9 54.50 0.99 -2.22
CA SER C 9 53.58 0.18 -1.39
C SER C 9 52.16 0.00 -1.93
N VAL C 10 51.76 -1.26 -2.16
CA VAL C 10 50.41 -1.63 -2.63
C VAL C 10 49.89 -2.77 -1.73
N VAL C 11 48.62 -2.65 -1.29
CA VAL C 11 47.97 -3.67 -0.49
C VAL C 11 47.18 -4.52 -1.50
N GLU C 12 47.42 -5.84 -1.55
CA GLU C 12 46.63 -6.66 -2.46
C GLU C 12 45.73 -7.62 -1.70
N MET C 13 44.53 -7.86 -2.22
CA MET C 13 43.59 -8.77 -1.58
C MET C 13 43.25 -9.91 -2.53
N GLN C 14 43.74 -11.13 -2.23
CA GLN C 14 43.48 -12.34 -3.01
C GLN C 14 42.04 -12.79 -2.87
N GLY C 15 41.49 -13.32 -3.94
CA GLY C 15 40.11 -13.74 -3.98
C GLY C 15 39.85 -15.22 -4.13
N ASP C 16 38.76 -15.54 -4.82
CA ASP C 16 38.25 -16.88 -4.95
C ASP C 16 38.02 -17.36 -6.37
N GLU C 17 37.97 -18.69 -6.49
CA GLU C 17 37.64 -19.44 -7.70
C GLU C 17 38.40 -18.94 -8.94
N MET C 18 37.72 -18.73 -10.08
CA MET C 18 38.37 -18.34 -11.34
C MET C 18 39.14 -17.04 -11.26
N THR C 19 38.62 -16.02 -10.57
CA THR C 19 39.30 -14.72 -10.42
C THR C 19 40.60 -14.86 -9.63
N ARG C 20 40.70 -15.87 -8.72
CA ARG C 20 41.93 -16.12 -7.97
C ARG C 20 43.07 -16.62 -8.89
N ILE C 21 42.72 -17.55 -9.79
CA ILE C 21 43.63 -18.15 -10.80
C ILE C 21 44.16 -17.03 -11.70
N ILE C 22 43.25 -16.22 -12.27
CA ILE C 22 43.53 -15.09 -13.16
C ILE C 22 44.36 -14.01 -12.46
N TRP C 23 44.05 -13.67 -11.19
CA TRP C 23 44.76 -12.65 -10.41
C TRP C 23 46.28 -12.93 -10.37
N GLU C 24 46.66 -14.22 -10.18
CA GLU C 24 48.05 -14.68 -10.10
C GLU C 24 48.75 -14.53 -11.47
N LEU C 25 48.04 -14.88 -12.56
CA LEU C 25 48.53 -14.72 -13.95
C LEU C 25 48.80 -13.25 -14.27
N ILE C 26 47.87 -12.33 -13.88
CA ILE C 26 48.02 -10.88 -14.07
C ILE C 26 49.31 -10.39 -13.45
N LYS C 27 49.53 -10.71 -12.15
CA LYS C 27 50.72 -10.35 -11.39
C LYS C 27 52.01 -10.86 -12.07
N GLU C 28 52.07 -12.17 -12.40
CA GLU C 28 53.25 -12.81 -12.99
C GLU C 28 53.56 -12.42 -14.43
N LYS C 29 52.54 -12.27 -15.28
CA LYS C 29 52.71 -11.96 -16.69
C LYS C 29 52.70 -10.48 -17.04
N LEU C 30 51.91 -9.67 -16.31
CA LEU C 30 51.76 -8.25 -16.65
C LEU C 30 52.30 -7.24 -15.67
N ILE C 31 52.46 -7.58 -14.38
CA ILE C 31 52.93 -6.56 -13.44
C ILE C 31 54.38 -6.80 -13.00
N PHE C 32 54.68 -7.98 -12.43
CA PHE C 32 56.00 -8.30 -11.87
C PHE C 32 57.16 -8.22 -12.90
N PRO C 33 57.02 -8.54 -14.22
CA PRO C 33 58.18 -8.38 -15.12
C PRO C 33 58.63 -6.93 -15.32
N TYR C 34 57.74 -5.95 -15.08
CA TYR C 34 57.99 -4.54 -15.31
C TYR C 34 58.00 -3.66 -14.08
N VAL C 35 57.26 -4.05 -13.02
CA VAL C 35 57.12 -3.26 -11.79
C VAL C 35 57.60 -4.02 -10.55
N GLU C 36 58.38 -3.34 -9.70
CA GLU C 36 58.84 -3.87 -8.43
C GLU C 36 58.07 -3.14 -7.33
N LEU C 37 57.24 -3.88 -6.59
CA LEU C 37 56.36 -3.35 -5.54
C LEU C 37 56.70 -3.84 -4.15
N ASP C 38 56.37 -3.02 -3.14
CA ASP C 38 56.41 -3.40 -1.73
C ASP C 38 54.95 -3.91 -1.51
N LEU C 39 54.73 -5.18 -1.87
CA LEU C 39 53.42 -5.82 -1.83
C LEU C 39 53.04 -6.36 -0.44
N HIS C 40 51.90 -5.89 0.08
CA HIS C 40 51.32 -6.29 1.37
C HIS C 40 50.10 -7.12 1.04
N SER C 41 50.28 -8.44 1.07
CA SER C 41 49.28 -9.40 0.64
C SER C 41 48.40 -9.93 1.75
N TYR C 42 47.10 -9.96 1.46
CA TYR C 42 46.11 -10.47 2.39
C TYR C 42 45.26 -11.44 1.62
N ASP C 43 45.20 -12.70 2.11
CA ASP C 43 44.39 -13.71 1.45
C ASP C 43 42.93 -13.58 1.91
N LEU C 44 42.06 -13.03 1.02
CA LEU C 44 40.63 -12.87 1.31
C LEU C 44 39.82 -14.00 0.67
N GLY C 45 40.49 -15.11 0.39
CA GLY C 45 39.85 -16.34 -0.08
C GLY C 45 38.93 -16.84 1.02
N ILE C 46 37.80 -17.47 0.64
CA ILE C 46 36.79 -17.98 1.57
C ILE C 46 37.41 -18.87 2.69
N GLU C 47 38.42 -19.73 2.36
CA GLU C 47 39.06 -20.62 3.35
C GLU C 47 39.90 -19.82 4.36
N ASN C 48 40.65 -18.79 3.90
CA ASN C 48 41.41 -17.97 4.84
C ASN C 48 40.51 -17.06 5.69
N ARG C 49 39.41 -16.50 5.12
CA ARG C 49 38.51 -15.67 5.94
C ARG C 49 37.90 -16.57 7.04
N ASP C 50 37.53 -17.81 6.68
CA ASP C 50 37.00 -18.77 7.63
C ASP C 50 38.02 -19.09 8.74
N ALA C 51 39.28 -19.37 8.35
CA ALA C 51 40.40 -19.66 9.26
C ALA C 51 40.74 -18.52 10.24
N THR C 52 40.45 -17.26 9.87
CA THR C 52 40.78 -16.11 10.72
C THR C 52 39.56 -15.44 11.34
N ASN C 53 38.38 -16.08 11.24
CA ASN C 53 37.10 -15.59 11.73
C ASN C 53 36.82 -14.20 11.12
N ASP C 54 37.21 -14.05 9.83
CA ASP C 54 37.04 -12.85 9.01
C ASP C 54 37.93 -11.68 9.46
N GLN C 55 38.87 -11.92 10.39
CA GLN C 55 39.80 -10.88 10.84
C GLN C 55 40.72 -10.40 9.70
N VAL C 56 41.08 -11.32 8.77
CA VAL C 56 41.94 -10.99 7.63
C VAL C 56 41.35 -9.79 6.83
N THR C 57 40.00 -9.76 6.66
CA THR C 57 39.29 -8.68 5.96
C THR C 57 39.52 -7.34 6.64
N LYS C 58 39.40 -7.31 7.98
CA LYS C 58 39.59 -6.13 8.83
C LYS C 58 41.02 -5.63 8.77
N ASP C 59 42.00 -6.56 8.84
CA ASP C 59 43.44 -6.28 8.76
C ASP C 59 43.79 -5.68 7.41
N ALA C 60 43.26 -6.27 6.29
CA ALA C 60 43.48 -5.77 4.92
C ALA C 60 43.02 -4.29 4.82
N ALA C 61 41.81 -3.98 5.36
CA ALA C 61 41.24 -2.64 5.41
C ALA C 61 42.14 -1.66 6.18
N GLU C 62 42.68 -2.06 7.34
CA GLU C 62 43.60 -1.22 8.14
C GLU C 62 44.91 -0.94 7.37
N ALA C 63 45.43 -1.95 6.64
CA ALA C 63 46.63 -1.83 5.80
C ALA C 63 46.39 -0.80 4.69
N ILE C 64 45.17 -0.80 4.07
CA ILE C 64 44.82 0.16 3.01
C ILE C 64 44.86 1.58 3.58
N LYS C 65 44.41 1.78 4.84
CA LYS C 65 44.45 3.07 5.54
C LYS C 65 45.89 3.54 5.72
N LYS C 66 46.82 2.61 6.00
CA LYS C 66 48.23 2.91 6.26
C LYS C 66 49.05 3.19 4.98
N HIS C 67 48.81 2.39 3.92
CA HIS C 67 49.56 2.42 2.67
C HIS C 67 48.90 3.21 1.53
N ASN C 68 47.60 3.59 1.70
CA ASN C 68 46.76 4.43 0.81
C ASN C 68 46.32 3.77 -0.52
N VAL C 69 46.82 2.56 -0.87
CA VAL C 69 46.31 1.95 -2.11
C VAL C 69 46.11 0.44 -1.90
N GLY C 70 44.90 0.01 -2.26
CA GLY C 70 44.49 -1.38 -2.21
C GLY C 70 44.01 -1.86 -3.55
N VAL C 71 44.29 -3.13 -3.87
CA VAL C 71 43.85 -3.75 -5.13
C VAL C 71 43.17 -5.08 -4.77
N LYS C 72 41.89 -5.22 -5.09
CA LYS C 72 41.14 -6.38 -4.65
C LYS C 72 40.58 -7.25 -5.75
N CYS C 73 40.82 -8.55 -5.60
CA CYS C 73 40.30 -9.62 -6.46
C CYS C 73 38.85 -9.95 -6.04
N ALA C 74 38.04 -10.46 -6.96
CA ALA C 74 36.64 -10.84 -6.65
C ALA C 74 36.59 -11.95 -5.58
N THR C 75 35.64 -11.83 -4.62
CA THR C 75 35.51 -12.77 -3.50
C THR C 75 34.11 -13.36 -3.40
N ILE C 76 33.97 -14.53 -2.73
CA ILE C 76 32.66 -15.14 -2.47
C ILE C 76 32.05 -14.50 -1.21
N THR C 77 30.78 -14.05 -1.30
CA THR C 77 29.97 -13.63 -0.14
C THR C 77 29.14 -14.92 0.08
N PRO C 78 29.48 -15.76 1.09
CA PRO C 78 28.81 -17.06 1.20
C PRO C 78 27.33 -17.05 1.54
N ASP C 79 26.61 -18.01 0.96
CA ASP C 79 25.19 -18.26 1.26
C ASP C 79 25.16 -19.66 1.92
N GLU C 80 23.96 -20.23 2.15
CA GLU C 80 23.80 -21.56 2.77
C GLU C 80 24.57 -22.64 2.02
N LYS C 81 24.50 -22.64 0.67
CA LYS C 81 25.20 -23.61 -0.18
C LYS C 81 26.72 -23.54 -0.06
N ARG C 82 27.27 -22.32 0.08
CA ARG C 82 28.72 -22.12 0.25
C ARG C 82 29.19 -22.60 1.63
N VAL C 83 28.31 -22.47 2.66
CA VAL C 83 28.58 -22.96 4.03
C VAL C 83 28.79 -24.48 3.96
N GLU C 84 27.90 -25.21 3.23
CA GLU C 84 27.93 -26.66 3.01
C GLU C 84 29.20 -27.08 2.27
N GLU C 85 29.49 -26.40 1.14
CA GLU C 85 30.63 -26.67 0.27
C GLU C 85 31.98 -26.54 0.96
N PHE C 86 32.16 -25.46 1.76
CA PHE C 86 33.44 -25.19 2.39
C PHE C 86 33.50 -25.62 3.86
N LYS C 87 32.35 -26.09 4.41
CA LYS C 87 32.18 -26.53 5.81
C LYS C 87 32.57 -25.34 6.70
N LEU C 88 31.97 -24.16 6.42
CA LEU C 88 32.27 -22.90 7.09
C LEU C 88 31.73 -22.89 8.51
N LYS C 89 32.47 -22.21 9.43
CA LYS C 89 32.06 -22.10 10.83
C LYS C 89 30.88 -21.16 10.95
N GLN C 90 30.85 -20.14 10.06
CA GLN C 90 29.82 -19.10 10.03
C GLN C 90 29.59 -18.65 8.58
N MET C 91 28.43 -18.02 8.32
CA MET C 91 28.11 -17.46 7.02
C MET C 91 28.65 -16.02 7.03
N TRP C 92 29.95 -15.89 6.74
CA TRP C 92 30.66 -14.61 6.79
C TRP C 92 30.03 -13.54 5.92
N LYS C 93 30.00 -12.29 6.46
CA LYS C 93 29.45 -11.09 5.81
C LYS C 93 30.30 -10.72 4.59
N SER C 94 29.68 -10.02 3.62
CA SER C 94 30.38 -9.53 2.43
C SER C 94 31.68 -8.79 2.81
N PRO C 95 32.84 -9.24 2.29
CA PRO C 95 34.09 -8.54 2.64
C PRO C 95 34.19 -7.14 2.04
N ASN C 96 33.45 -6.87 0.94
CA ASN C 96 33.43 -5.53 0.33
C ASN C 96 32.70 -4.58 1.26
N GLY C 97 31.62 -5.07 1.90
CA GLY C 97 30.84 -4.32 2.88
C GLY C 97 31.68 -3.97 4.08
N THR C 98 32.44 -4.95 4.60
CA THR C 98 33.35 -4.74 5.74
C THR C 98 34.42 -3.67 5.43
N ILE C 99 35.14 -3.84 4.31
CA ILE C 99 36.19 -2.89 3.89
C ILE C 99 35.60 -1.48 3.69
N ARG C 100 34.47 -1.38 2.96
CA ARG C 100 33.81 -0.10 2.72
C ARG C 100 33.33 0.57 4.00
N ASN C 101 32.89 -0.21 4.98
CA ASN C 101 32.37 0.44 6.17
CA ASN C 101 32.42 0.26 6.30
C ASN C 101 33.57 0.87 7.08
N ILE C 102 34.78 0.29 6.92
CA ILE C 102 35.96 0.76 7.65
C ILE C 102 36.56 2.03 6.95
N LEU C 103 36.71 2.01 5.61
CA LEU C 103 37.31 3.11 4.84
C LEU C 103 36.37 4.27 4.54
N GLY C 104 35.13 3.96 4.19
CA GLY C 104 34.12 4.93 3.78
C GLY C 104 34.42 5.51 2.40
N GLY C 105 33.62 6.48 1.98
CA GLY C 105 33.81 7.15 0.71
C GLY C 105 32.82 6.83 -0.39
N THR C 106 33.29 6.93 -1.63
CA THR C 106 32.48 6.74 -2.82
C THR C 106 33.16 5.81 -3.79
N VAL C 107 32.40 4.85 -4.31
CA VAL C 107 32.87 3.89 -5.28
C VAL C 107 32.48 4.43 -6.65
N PHE C 108 33.50 4.80 -7.45
CA PHE C 108 33.24 5.30 -8.80
C PHE C 108 33.32 4.17 -9.81
N ARG C 109 32.23 3.98 -10.54
CA ARG C 109 32.13 2.91 -11.51
C ARG C 109 31.91 3.46 -12.90
N GLU C 110 32.64 2.89 -13.87
CA GLU C 110 32.58 3.30 -15.27
C GLU C 110 32.81 2.07 -16.17
N ALA C 111 32.10 1.98 -17.29
CA ALA C 111 32.29 0.88 -18.23
C ALA C 111 33.66 0.99 -18.95
N ILE C 112 34.19 -0.15 -19.38
CA ILE C 112 35.45 -0.24 -20.12
C ILE C 112 35.02 -0.41 -21.57
N ILE C 113 35.11 0.68 -22.36
CA ILE C 113 34.64 0.72 -23.75
C ILE C 113 35.68 0.26 -24.78
N CYS C 114 35.27 -0.74 -25.60
CA CYS C 114 35.98 -1.31 -26.76
C CYS C 114 35.03 -1.08 -27.93
N LYS C 115 35.48 -0.29 -28.92
CA LYS C 115 34.72 0.11 -30.12
C LYS C 115 34.00 -1.03 -30.86
N ASN C 116 34.58 -2.24 -30.87
CA ASN C 116 34.00 -3.39 -31.58
C ASN C 116 32.99 -4.19 -30.75
N ILE C 117 32.83 -3.85 -29.45
CA ILE C 117 31.84 -4.54 -28.60
C ILE C 117 30.51 -3.77 -28.69
N PRO C 118 29.43 -4.43 -29.13
CA PRO C 118 28.17 -3.70 -29.25
C PRO C 118 27.46 -3.39 -27.91
N ARG C 119 26.94 -2.17 -27.80
CA ARG C 119 26.14 -1.69 -26.68
C ARG C 119 24.79 -2.35 -26.77
N LEU C 120 24.13 -2.54 -25.61
CA LEU C 120 22.77 -3.05 -25.60
C LEU C 120 21.79 -1.86 -25.57
N VAL C 121 22.27 -0.67 -25.15
CA VAL C 121 21.47 0.54 -25.10
C VAL C 121 22.01 1.48 -26.17
N SER C 122 21.22 1.61 -27.26
CA SER C 122 21.47 2.35 -28.50
C SER C 122 22.13 3.74 -28.33
N GLY C 123 21.50 4.61 -27.55
CA GLY C 123 21.95 6.00 -27.38
C GLY C 123 23.21 6.30 -26.62
N TRP C 124 23.74 5.37 -25.81
CA TRP C 124 24.89 5.58 -24.93
C TRP C 124 26.25 5.74 -25.65
N VAL C 125 26.43 6.90 -26.32
CA VAL C 125 27.62 7.25 -27.09
C VAL C 125 28.72 7.90 -26.21
N LYS C 126 28.34 8.37 -25.01
CA LYS C 126 29.26 8.99 -24.04
C LYS C 126 29.22 8.20 -22.70
N PRO C 127 30.30 8.20 -21.89
CA PRO C 127 30.29 7.41 -20.65
C PRO C 127 29.39 7.91 -19.52
N ILE C 128 28.85 6.96 -18.73
CA ILE C 128 28.06 7.23 -17.52
C ILE C 128 28.92 6.81 -16.33
N ILE C 129 29.27 7.75 -15.46
CA ILE C 129 30.07 7.45 -14.28
C ILE C 129 29.12 7.45 -13.08
N ILE C 130 29.10 6.33 -12.34
CA ILE C 130 28.28 6.20 -11.15
C ILE C 130 29.16 6.39 -9.95
N GLY C 131 28.75 7.31 -9.10
CA GLY C 131 29.38 7.57 -7.81
C GLY C 131 28.49 6.93 -6.78
N ARG C 132 28.81 5.66 -6.38
CA ARG C 132 28.03 4.90 -5.40
C ARG C 132 28.53 5.20 -3.99
N HIS C 133 27.64 5.74 -3.12
CA HIS C 133 27.98 6.02 -1.72
C HIS C 133 28.33 4.66 -1.10
N ALA C 134 29.53 4.50 -0.54
CA ALA C 134 30.04 3.20 -0.06
C ALA C 134 29.68 2.84 1.36
N TYR C 135 29.01 3.72 2.07
CA TYR C 135 28.73 3.53 3.48
C TYR C 135 27.25 3.36 3.87
N GLY C 136 27.01 2.56 4.91
CA GLY C 136 25.72 2.36 5.57
C GLY C 136 24.55 1.87 4.73
N ASP C 137 23.34 2.31 5.10
CA ASP C 137 22.09 1.85 4.50
C ASP C 137 22.01 0.30 4.65
N GLN C 138 21.54 -0.44 3.62
CA GLN C 138 21.35 -1.90 3.64
C GLN C 138 22.58 -2.71 3.98
N TYR C 139 23.78 -2.15 3.72
CA TYR C 139 25.06 -2.85 3.87
C TYR C 139 25.63 -2.77 5.29
N ARG C 140 24.92 -2.08 6.22
CA ARG C 140 25.31 -2.01 7.63
C ARG C 140 24.03 -2.07 8.48
N ALA C 141 23.02 -2.74 7.92
CA ALA C 141 21.69 -2.90 8.49
C ALA C 141 21.55 -4.00 9.55
N THR C 142 20.50 -3.88 10.40
CA THR C 142 20.22 -4.87 11.42
C THR C 142 18.87 -5.45 11.07
N ASP C 143 18.85 -6.66 10.55
CA ASP C 143 17.60 -7.30 10.11
C ASP C 143 17.39 -8.60 10.82
N PHE C 144 16.12 -9.00 10.99
CA PHE C 144 15.75 -10.20 11.69
C PHE C 144 14.39 -10.69 11.28
N VAL C 145 14.12 -11.98 11.57
CA VAL C 145 12.82 -12.61 11.35
C VAL C 145 11.97 -12.29 12.57
N VAL C 146 10.73 -11.87 12.35
CA VAL C 146 9.74 -11.63 13.40
C VAL C 146 8.99 -12.99 13.54
N PRO C 147 9.17 -13.75 14.64
CA PRO C 147 8.60 -15.11 14.71
C PRO C 147 7.08 -15.18 14.92
N GLY C 148 6.49 -14.11 15.44
CA GLY C 148 5.07 -14.09 15.71
C GLY C 148 4.57 -12.75 16.19
N PRO C 149 3.27 -12.69 16.59
CA PRO C 149 2.69 -11.41 17.06
C PRO C 149 3.57 -10.66 18.06
N GLY C 150 3.55 -9.34 17.94
CA GLY C 150 4.37 -8.49 18.79
C GLY C 150 4.76 -7.20 18.12
N LYS C 151 5.27 -6.25 18.91
CA LYS C 151 5.62 -4.94 18.40
C LYS C 151 7.08 -4.87 18.03
N VAL C 152 7.36 -4.20 16.91
CA VAL C 152 8.71 -3.86 16.50
C VAL C 152 8.81 -2.33 16.70
N GLU C 153 9.79 -1.89 17.47
CA GLU C 153 10.01 -0.48 17.74
C GLU C 153 11.44 -0.11 17.46
N ILE C 154 11.66 1.13 17.03
CA ILE C 154 13.00 1.68 16.80
C ILE C 154 13.13 2.91 17.71
N THR C 155 14.21 2.98 18.49
CA THR C 155 14.43 4.03 19.48
C THR C 155 15.71 4.79 19.31
N TYR C 156 15.67 6.09 19.61
CA TYR C 156 16.83 6.94 19.60
C TYR C 156 17.02 7.55 21.01
N THR C 157 18.22 7.39 21.57
CA THR C 157 18.58 7.88 22.89
C THR C 157 19.83 8.75 22.73
N PRO C 158 19.69 10.08 22.88
CA PRO C 158 20.87 10.95 22.82
C PRO C 158 21.89 10.58 23.89
N SER C 159 23.19 10.73 23.55
CA SER C 159 24.27 10.37 24.49
C SER C 159 24.14 11.09 25.85
N ASP C 160 23.58 12.32 25.88
CA ASP C 160 23.32 13.08 27.12
C ASP C 160 22.32 12.38 28.09
N GLY C 161 21.58 11.37 27.62
CA GLY C 161 20.60 10.60 28.38
C GLY C 161 19.41 11.39 28.94
N THR C 162 19.17 12.59 28.41
CA THR C 162 18.10 13.47 28.86
C THR C 162 16.73 13.18 28.17
N GLN C 163 16.71 12.28 27.15
CA GLN C 163 15.50 11.94 26.43
C GLN C 163 15.60 10.61 25.65
N LYS C 164 14.45 10.11 25.18
CA LYS C 164 14.31 8.87 24.41
C LYS C 164 13.14 9.04 23.47
N VAL C 165 13.34 8.71 22.19
CA VAL C 165 12.27 8.74 21.19
C VAL C 165 12.01 7.29 20.74
N THR C 166 10.79 6.82 20.87
CA THR C 166 10.39 5.47 20.46
C THR C 166 9.43 5.57 19.29
N TYR C 167 9.78 4.98 18.14
CA TYR C 167 8.96 4.93 16.94
C TYR C 167 8.42 3.51 16.79
N LEU C 168 7.12 3.35 16.56
CA LEU C 168 6.54 2.04 16.29
C LEU C 168 6.79 1.71 14.82
N VAL C 169 7.49 0.61 14.56
CA VAL C 169 7.74 0.17 13.17
C VAL C 169 6.48 -0.54 12.72
N HIS C 170 6.00 -1.47 13.55
CA HIS C 170 4.82 -2.25 13.28
C HIS C 170 4.42 -3.10 14.45
N ASN C 171 3.10 -3.20 14.66
CA ASN C 171 2.56 -4.12 15.63
C ASN C 171 2.03 -5.34 14.82
N PHE C 172 2.69 -6.48 14.95
CA PHE C 172 2.28 -7.72 14.23
C PHE C 172 1.16 -8.31 15.04
N GLU C 173 -0.05 -8.35 14.49
CA GLU C 173 -1.19 -8.82 15.25
C GLU C 173 -1.49 -10.30 15.04
N GLU C 174 -1.27 -10.78 13.84
CA GLU C 174 -1.49 -12.18 13.52
C GLU C 174 -0.33 -12.60 12.62
N GLY C 175 0.47 -13.54 13.09
CA GLY C 175 1.62 -14.01 12.32
C GLY C 175 2.85 -13.15 12.51
N GLY C 176 3.91 -13.51 11.80
CA GLY C 176 5.18 -12.82 11.85
C GLY C 176 5.55 -12.22 10.53
N GLY C 177 6.83 -11.97 10.36
CA GLY C 177 7.37 -11.37 9.14
C GLY C 177 8.82 -11.08 9.35
N VAL C 178 9.25 -9.92 8.87
CA VAL C 178 10.62 -9.45 8.93
C VAL C 178 10.64 -7.99 9.33
N ALA C 179 11.74 -7.54 9.91
CA ALA C 179 11.91 -6.15 10.28
C ALA C 179 13.39 -5.85 10.16
N MET C 180 13.71 -4.58 9.99
CA MET C 180 15.12 -4.16 9.91
C MET C 180 15.27 -2.71 10.29
N GLY C 181 16.44 -2.39 10.80
CA GLY C 181 16.85 -1.04 11.10
C GLY C 181 18.08 -0.72 10.29
N MET C 182 18.14 0.48 9.74
CA MET C 182 19.33 0.89 8.98
C MET C 182 19.58 2.36 9.25
N TYR C 183 20.78 2.83 8.92
CA TYR C 183 21.18 4.20 9.19
C TYR C 183 22.22 4.69 8.20
N ASN C 184 22.46 6.01 8.26
CA ASN C 184 23.57 6.70 7.58
C ASN C 184 24.04 7.86 8.44
N GLN C 185 25.25 8.34 8.22
CA GLN C 185 25.88 9.41 9.00
C GLN C 185 26.01 10.67 8.18
N ASP C 186 25.75 11.84 8.79
CA ASP C 186 25.88 13.15 8.13
C ASP C 186 27.28 13.37 7.50
N LYS C 187 28.36 13.12 8.26
CA LYS C 187 29.73 13.32 7.78
C LYS C 187 30.00 12.50 6.52
N SER C 188 29.51 11.23 6.50
CA SER C 188 29.63 10.32 5.38
C SER C 188 28.87 10.83 4.15
N ILE C 189 27.67 11.38 4.36
CA ILE C 189 26.85 11.95 3.27
C ILE C 189 27.56 13.21 2.72
N GLU C 190 28.14 14.04 3.61
CA GLU C 190 28.86 15.26 3.25
C GLU C 190 30.07 14.94 2.35
N ASP C 191 30.86 13.92 2.73
CA ASP C 191 32.01 13.42 1.97
C ASP C 191 31.54 12.87 0.62
N PHE C 192 30.39 12.17 0.60
CA PHE C 192 29.79 11.64 -0.62
C PHE C 192 29.39 12.79 -1.56
N ALA C 193 28.87 13.90 -1.01
CA ALA C 193 28.48 15.07 -1.80
C ALA C 193 29.73 15.73 -2.42
N HIS C 194 30.76 16.01 -1.60
CA HIS C 194 32.03 16.60 -2.04
C HIS C 194 32.70 15.80 -3.14
N SER C 195 32.76 14.47 -3.02
CA SER C 195 33.37 13.57 -4.02
C SER C 195 32.61 13.58 -5.33
N SER C 196 31.28 13.70 -5.26
CA SER C 196 30.38 13.72 -6.42
C SER C 196 30.56 15.05 -7.20
N PHE C 197 30.59 16.19 -6.47
CA PHE C 197 30.79 17.50 -7.08
C PHE C 197 32.17 17.60 -7.74
N GLN C 198 33.22 17.15 -7.01
CA GLN C 198 34.60 17.14 -7.48
C GLN C 198 34.82 16.29 -8.72
N MET C 199 34.20 15.08 -8.78
CA MET C 199 34.27 14.19 -9.94
C MET C 199 33.65 14.87 -11.17
N ALA C 200 32.48 15.53 -10.97
CA ALA C 200 31.75 16.24 -12.01
C ALA C 200 32.58 17.38 -12.62
N LEU C 201 33.27 18.17 -11.77
CA LEU C 201 34.11 19.29 -12.21
C LEU C 201 35.36 18.79 -12.95
N SER C 202 35.97 17.68 -12.50
CA SER C 202 37.15 17.07 -13.13
C SER C 202 36.83 16.48 -14.51
N LYS C 203 35.58 16.04 -14.75
CA LYS C 203 35.16 15.44 -16.03
C LYS C 203 34.43 16.43 -16.94
N GLY C 204 34.03 17.58 -16.39
CA GLY C 204 33.30 18.62 -17.10
C GLY C 204 31.95 18.14 -17.60
N TRP C 205 31.24 17.38 -16.74
CA TRP C 205 29.93 16.81 -17.02
C TRP C 205 28.92 17.17 -15.92
N PRO C 206 27.60 17.21 -16.23
CA PRO C 206 26.62 17.49 -15.17
C PRO C 206 26.52 16.36 -14.12
N LEU C 207 25.99 16.70 -12.94
CA LEU C 207 25.82 15.77 -11.82
C LEU C 207 24.35 15.63 -11.42
N TYR C 208 23.92 14.37 -11.27
CA TYR C 208 22.57 14.05 -10.86
C TYR C 208 22.59 13.16 -9.63
N LEU C 209 21.83 13.56 -8.59
CA LEU C 209 21.68 12.75 -7.39
C LEU C 209 20.30 12.13 -7.44
N SER C 210 20.24 10.80 -7.25
CA SER C 210 18.95 10.10 -7.25
C SER C 210 18.58 9.66 -5.82
N THR C 211 17.30 9.92 -5.41
CA THR C 211 16.76 9.51 -4.08
C THR C 211 15.26 9.13 -4.23
N LYS C 212 14.61 8.77 -3.12
CA LYS C 212 13.16 8.52 -3.13
C LYS C 212 12.60 9.31 -1.93
N ASN C 213 13.02 10.60 -1.84
CA ASN C 213 12.69 11.53 -0.76
C ASN C 213 11.20 11.85 -0.65
N THR C 214 10.40 11.52 -1.65
CA THR C 214 8.94 11.70 -1.58
C THR C 214 8.36 10.59 -0.69
N ILE C 215 9.09 9.45 -0.55
CA ILE C 215 8.67 8.30 0.25
C ILE C 215 9.42 8.31 1.55
N LEU C 216 10.78 8.36 1.49
CA LEU C 216 11.62 8.44 2.70
C LEU C 216 11.92 9.91 2.86
N LYS C 217 10.93 10.65 3.40
CA LYS C 217 10.98 12.11 3.53
C LYS C 217 12.11 12.60 4.41
N LYS C 218 12.41 11.89 5.52
CA LYS C 218 13.50 12.31 6.40
C LYS C 218 14.82 11.73 5.98
N TYR C 219 14.86 10.41 5.71
CA TYR C 219 16.07 9.65 5.38
C TYR C 219 16.68 10.16 4.04
N ASP C 220 15.95 10.00 2.92
CA ASP C 220 16.40 10.45 1.62
C ASP C 220 16.39 11.98 1.50
N GLY C 221 15.52 12.63 2.28
CA GLY C 221 15.44 14.08 2.36
C GLY C 221 16.73 14.69 2.87
N ARG C 222 17.41 13.99 3.79
CA ARG C 222 18.70 14.42 4.32
C ARG C 222 19.81 14.39 3.26
N PHE C 223 19.81 13.38 2.35
CA PHE C 223 20.80 13.28 1.26
C PHE C 223 20.58 14.48 0.32
N LYS C 224 19.31 14.72 -0.08
CA LYS C 224 18.91 15.86 -0.92
C LYS C 224 19.40 17.20 -0.30
N ASP C 225 19.08 17.44 1.00
CA ASP C 225 19.44 18.65 1.75
C ASP C 225 20.92 18.93 1.81
N ILE C 226 21.72 17.91 2.18
CA ILE C 226 23.17 18.01 2.30
C ILE C 226 23.80 18.37 0.95
N PHE C 227 23.42 17.65 -0.13
CA PHE C 227 23.93 17.89 -1.48
C PHE C 227 23.61 19.31 -1.97
N GLN C 228 22.35 19.79 -1.78
CA GLN C 228 21.93 21.13 -2.19
C GLN C 228 22.72 22.23 -1.44
N GLU C 229 22.83 22.13 -0.11
CA GLU C 229 23.55 23.08 0.75
C GLU C 229 25.04 23.17 0.39
N ILE C 230 25.68 22.02 0.12
CA ILE C 230 27.10 21.99 -0.29
C ILE C 230 27.25 22.63 -1.69
N TYR C 231 26.32 22.35 -2.60
CA TYR C 231 26.30 22.86 -3.97
C TYR C 231 26.20 24.39 -4.01
N ASP C 232 25.12 24.95 -3.44
CA ASP C 232 24.81 26.38 -3.36
C ASP C 232 25.89 27.21 -2.69
N LYS C 233 26.55 26.66 -1.66
CA LYS C 233 27.58 27.35 -0.89
C LYS C 233 29.02 27.16 -1.36
N GLN C 234 29.35 26.01 -2.03
CA GLN C 234 30.73 25.70 -2.39
C GLN C 234 31.03 25.31 -3.85
N TYR C 235 30.02 24.95 -4.67
CA TYR C 235 30.31 24.47 -6.03
C TYR C 235 29.53 25.11 -7.18
N LYS C 236 28.33 25.66 -6.91
CA LYS C 236 27.43 26.26 -7.91
C LYS C 236 28.12 27.22 -8.91
N SER C 237 28.98 28.14 -8.41
CA SER C 237 29.70 29.10 -9.27
C SER C 237 30.75 28.39 -10.16
N GLN C 238 31.44 27.35 -9.62
CA GLN C 238 32.42 26.56 -10.39
C GLN C 238 31.74 25.75 -11.53
N PHE C 239 30.53 25.24 -11.27
CA PHE C 239 29.69 24.49 -12.21
C PHE C 239 29.21 25.38 -13.37
N GLU C 240 28.78 26.62 -13.04
CA GLU C 240 28.29 27.63 -13.98
C GLU C 240 29.43 28.08 -14.92
N ALA C 241 30.65 28.24 -14.37
CA ALA C 241 31.88 28.59 -15.11
C ALA C 241 32.25 27.50 -16.14
N GLN C 242 31.89 26.23 -15.86
CA GLN C 242 32.15 25.07 -16.72
C GLN C 242 30.96 24.70 -17.59
N LYS C 243 29.87 25.49 -17.47
CA LYS C 243 28.60 25.33 -18.19
C LYS C 243 27.93 23.94 -17.93
N ILE C 244 28.11 23.44 -16.69
CA ILE C 244 27.53 22.19 -16.18
C ILE C 244 26.58 22.53 -15.04
N TRP C 245 25.87 21.53 -14.51
CA TRP C 245 24.88 21.75 -13.46
C TRP C 245 24.71 20.55 -12.52
N TYR C 246 24.17 20.79 -11.31
CA TYR C 246 23.82 19.75 -10.36
C TYR C 246 22.31 19.72 -10.22
N GLU C 247 21.70 18.52 -10.27
CA GLU C 247 20.25 18.37 -10.09
C GLU C 247 19.83 17.07 -9.35
N HIS C 248 18.82 17.19 -8.46
CA HIS C 248 18.26 16.03 -7.76
C HIS C 248 17.17 15.43 -8.66
N ARG C 249 17.09 14.09 -8.71
CA ARG C 249 16.08 13.35 -9.47
C ARG C 249 15.53 12.23 -8.59
N LEU C 250 14.24 11.89 -8.74
CA LEU C 250 13.67 10.75 -8.03
C LEU C 250 14.26 9.52 -8.76
N ILE C 251 14.66 8.48 -8.01
CA ILE C 251 15.32 7.28 -8.53
C ILE C 251 14.60 6.66 -9.73
N ASP C 252 13.27 6.51 -9.66
CA ASP C 252 12.46 5.95 -10.73
C ASP C 252 12.47 6.84 -11.99
N ASP C 253 12.54 8.17 -11.80
CA ASP C 253 12.65 9.15 -12.89
C ASP C 253 14.05 9.06 -13.51
N MET C 254 15.09 9.06 -12.66
CA MET C 254 16.50 8.98 -13.03
C MET C 254 16.89 7.74 -13.85
N VAL C 255 16.41 6.53 -13.48
CA VAL C 255 16.76 5.31 -14.21
C VAL C 255 16.29 5.42 -15.66
N ALA C 256 15.04 5.89 -15.87
CA ALA C 256 14.44 6.12 -17.20
C ALA C 256 15.21 7.22 -17.94
N GLN C 257 15.55 8.35 -17.25
CA GLN C 257 16.33 9.47 -17.83
CA GLN C 257 16.32 9.44 -17.87
C GLN C 257 17.69 8.95 -18.32
N ALA C 258 18.38 8.10 -17.48
CA ALA C 258 19.69 7.53 -17.81
C ALA C 258 19.57 6.64 -19.05
N MET C 259 18.52 5.82 -19.08
CA MET C 259 18.20 4.88 -20.16
C MET C 259 18.01 5.59 -21.53
N LYS C 260 17.32 6.74 -21.55
CA LYS C 260 17.08 7.42 -22.83
C LYS C 260 18.12 8.50 -23.15
N SER C 261 19.10 8.72 -22.28
CA SER C 261 20.15 9.70 -22.52
C SER C 261 21.18 9.21 -23.56
N GLU C 262 22.21 10.03 -23.76
CA GLU C 262 23.34 9.73 -24.64
C GLU C 262 24.62 9.60 -23.79
N GLY C 263 24.41 9.46 -22.49
CA GLY C 263 25.47 9.39 -21.50
C GLY C 263 26.04 10.75 -21.26
N GLY C 264 27.25 10.80 -20.72
CA GLY C 264 27.96 12.03 -20.45
C GLY C 264 27.50 12.75 -19.19
N PHE C 265 27.41 12.00 -18.08
CA PHE C 265 27.01 12.57 -16.80
C PHE C 265 27.52 11.73 -15.64
N ILE C 266 27.66 12.38 -14.48
CA ILE C 266 28.00 11.78 -13.20
C ILE C 266 26.66 11.54 -12.49
N TRP C 267 26.43 10.30 -12.01
CA TRP C 267 25.22 9.86 -11.33
C TRP C 267 25.58 9.43 -9.88
N ALA C 268 25.27 10.30 -8.91
CA ALA C 268 25.52 10.05 -7.48
C ALA C 268 24.38 9.16 -7.01
N CYS C 269 24.73 7.97 -6.52
CA CYS C 269 23.81 6.92 -6.10
C CYS C 269 24.03 6.63 -4.65
N LYS C 270 22.94 6.36 -3.93
CA LYS C 270 23.00 5.86 -2.56
C LYS C 270 23.48 4.39 -2.71
N ASN C 271 24.10 3.85 -1.67
CA ASN C 271 24.71 2.53 -1.62
C ASN C 271 23.99 1.44 -2.42
N TYR C 272 22.72 1.16 -2.12
CA TYR C 272 21.93 0.13 -2.77
C TYR C 272 21.72 0.42 -4.25
N ASP C 273 21.32 1.68 -4.60
CA ASP C 273 21.08 2.02 -6.02
C ASP C 273 22.35 1.95 -6.84
N GLY C 274 23.48 2.33 -6.23
CA GLY C 274 24.79 2.26 -6.86
C GLY C 274 25.13 0.83 -7.25
N ASP C 275 24.82 -0.13 -6.35
CA ASP C 275 25.04 -1.55 -6.58
C ASP C 275 24.23 -2.04 -7.77
N VAL C 276 22.92 -1.89 -7.72
CA VAL C 276 22.02 -2.36 -8.76
C VAL C 276 22.24 -1.60 -10.09
N GLN C 277 22.22 -0.26 -10.05
CA GLN C 277 22.30 0.54 -11.28
C GLN C 277 23.67 0.42 -11.99
N SER C 278 24.80 0.26 -11.24
CA SER C 278 26.11 0.06 -11.88
C SER C 278 26.15 -1.25 -12.68
N ASP C 279 25.45 -2.31 -12.24
CA ASP C 279 25.38 -3.56 -13.00
C ASP C 279 24.49 -3.45 -14.26
N SER C 280 23.41 -2.68 -14.17
CA SER C 280 22.51 -2.44 -15.30
C SER C 280 23.29 -1.61 -16.38
N VAL C 281 24.00 -0.55 -15.94
CA VAL C 281 24.81 0.33 -16.79
C VAL C 281 25.98 -0.47 -17.44
N ALA C 282 26.71 -1.31 -16.67
CA ALA C 282 27.83 -2.11 -17.17
C ALA C 282 27.35 -3.02 -18.29
N GLN C 283 26.23 -3.71 -18.05
CA GLN C 283 25.59 -4.58 -19.01
C GLN C 283 25.05 -3.79 -20.25
N GLY C 284 24.54 -2.57 -20.00
CA GLY C 284 24.01 -1.72 -21.06
C GLY C 284 25.06 -1.33 -22.07
N TYR C 285 26.31 -1.09 -21.59
CA TYR C 285 27.43 -0.76 -22.45
C TYR C 285 27.99 -1.97 -23.22
N GLY C 286 27.53 -3.19 -22.87
CA GLY C 286 27.91 -4.39 -23.61
C GLY C 286 28.26 -5.63 -22.82
N SER C 287 28.97 -5.45 -21.68
CA SER C 287 29.42 -6.58 -20.84
C SER C 287 29.56 -6.18 -19.38
N LEU C 288 29.01 -7.02 -18.49
CA LEU C 288 29.07 -6.86 -17.04
C LEU C 288 30.51 -6.75 -16.53
N GLY C 289 31.38 -7.65 -17.00
CA GLY C 289 32.78 -7.69 -16.60
C GLY C 289 33.69 -6.65 -17.23
N MET C 290 33.12 -5.65 -17.92
CA MET C 290 33.89 -4.58 -18.55
C MET C 290 33.55 -3.29 -17.82
N MET C 291 34.01 -3.21 -16.57
CA MET C 291 33.73 -2.09 -15.69
C MET C 291 34.83 -1.85 -14.68
N THR C 292 35.16 -0.57 -14.43
CA THR C 292 36.12 -0.21 -13.40
C THR C 292 35.31 0.04 -12.11
N SER C 293 35.94 -0.09 -10.94
CA SER C 293 35.29 0.12 -9.66
C SER C 293 36.35 0.58 -8.66
N VAL C 294 36.36 1.89 -8.36
CA VAL C 294 37.38 2.49 -7.50
C VAL C 294 36.76 3.22 -6.31
N LEU C 295 37.08 2.77 -5.09
CA LEU C 295 36.65 3.42 -3.87
C LEU C 295 37.60 4.58 -3.56
N VAL C 296 37.05 5.79 -3.48
CA VAL C 296 37.76 7.02 -3.17
C VAL C 296 37.36 7.40 -1.76
N CYS C 297 38.31 7.33 -0.83
CA CYS C 297 38.06 7.58 0.58
C CYS C 297 38.00 9.07 0.94
N PRO C 298 37.35 9.42 2.08
CA PRO C 298 37.18 10.84 2.45
C PRO C 298 38.45 11.64 2.75
N ASP C 299 39.59 10.96 2.98
CA ASP C 299 40.86 11.66 3.27
C ASP C 299 41.49 12.32 2.03
N GLY C 300 40.97 12.02 0.84
CA GLY C 300 41.49 12.51 -0.44
C GLY C 300 42.91 12.04 -0.66
N LYS C 301 43.18 10.74 -0.38
CA LYS C 301 44.50 10.12 -0.43
C LYS C 301 44.43 8.59 -0.57
N THR C 302 43.49 7.94 0.14
CA THR C 302 43.35 6.49 0.14
C THR C 302 42.35 6.04 -0.91
N VAL C 303 42.73 5.03 -1.73
CA VAL C 303 41.84 4.43 -2.71
C VAL C 303 41.90 2.90 -2.58
N GLU C 304 40.84 2.22 -3.02
CA GLU C 304 40.79 0.77 -3.10
C GLU C 304 40.16 0.48 -4.43
N ALA C 305 40.92 -0.12 -5.36
CA ALA C 305 40.37 -0.47 -6.66
C ALA C 305 40.07 -1.95 -6.62
N GLU C 306 38.98 -2.38 -7.28
CA GLU C 306 38.56 -3.78 -7.28
C GLU C 306 37.98 -4.22 -8.61
N ALA C 307 37.81 -5.53 -8.76
CA ALA C 307 37.07 -6.14 -9.86
C ALA C 307 35.75 -6.46 -9.16
N ALA C 308 34.70 -5.68 -9.49
CA ALA C 308 33.37 -5.71 -8.90
C ALA C 308 32.45 -6.86 -9.36
N HIS C 309 32.87 -7.63 -10.39
CA HIS C 309 32.07 -8.77 -10.88
C HIS C 309 32.27 -10.02 -9.99
N GLY C 310 31.59 -11.10 -10.34
CA GLY C 310 31.66 -12.38 -9.63
C GLY C 310 32.97 -13.15 -9.78
N THR C 311 33.04 -14.29 -9.09
CA THR C 311 34.21 -15.18 -9.07
C THR C 311 34.22 -16.19 -10.25
N VAL C 312 33.18 -16.12 -11.14
CA VAL C 312 33.03 -16.95 -12.36
C VAL C 312 33.06 -18.48 -12.02
N THR C 313 32.11 -18.94 -11.17
CA THR C 313 32.05 -20.34 -10.69
C THR C 313 31.93 -21.38 -11.82
N ARG C 314 31.06 -21.13 -12.83
CA ARG C 314 30.88 -22.05 -13.96
C ARG C 314 32.24 -22.36 -14.61
N HIS C 315 33.05 -21.30 -14.84
CA HIS C 315 34.40 -21.44 -15.41
C HIS C 315 35.29 -22.23 -14.51
N TYR C 316 35.26 -21.91 -13.19
CA TYR C 316 36.06 -22.58 -12.18
C TYR C 316 35.81 -24.10 -12.15
N ARG C 317 34.53 -24.52 -12.25
CA ARG C 317 34.12 -25.91 -12.27
C ARG C 317 34.71 -26.63 -13.48
N MET C 318 34.63 -25.98 -14.67
CA MET C 318 35.19 -26.48 -15.93
C MET C 318 36.70 -26.64 -15.77
N TYR C 319 37.37 -25.60 -15.24
CA TYR C 319 38.82 -25.58 -14.99
C TYR C 319 39.24 -26.74 -14.06
N GLN C 320 38.41 -27.05 -13.03
CA GLN C 320 38.67 -28.12 -12.06
C GLN C 320 38.68 -29.52 -12.70
N LYS C 321 37.87 -29.71 -13.76
CA LYS C 321 37.73 -30.97 -14.49
C LYS C 321 38.70 -31.02 -15.69
N GLY C 322 39.65 -30.08 -15.75
CA GLY C 322 40.62 -29.99 -16.84
C GLY C 322 40.03 -29.54 -18.18
N GLN C 323 38.79 -29.03 -18.18
CA GLN C 323 38.11 -28.53 -19.37
C GLN C 323 38.61 -27.14 -19.71
N GLU C 324 38.67 -26.81 -21.00
CA GLU C 324 39.10 -25.51 -21.50
C GLU C 324 38.15 -24.37 -21.06
N THR C 325 38.73 -23.24 -20.63
CA THR C 325 38.00 -22.05 -20.17
C THR C 325 38.50 -20.79 -20.86
N SER C 326 37.62 -19.80 -21.03
CA SER C 326 37.94 -18.53 -21.65
C SER C 326 37.35 -17.39 -20.80
N THR C 327 38.13 -16.92 -19.82
CA THR C 327 37.73 -15.94 -18.81
C THR C 327 38.30 -14.57 -19.08
N ASN C 328 37.39 -13.58 -19.23
CA ASN C 328 37.73 -12.18 -19.44
C ASN C 328 38.50 -11.63 -18.20
N PRO C 329 39.80 -11.29 -18.33
CA PRO C 329 40.55 -10.76 -17.16
C PRO C 329 40.58 -9.23 -17.06
N ILE C 330 39.91 -8.49 -17.97
CA ILE C 330 40.02 -7.02 -18.08
C ILE C 330 39.70 -6.27 -16.79
N ALA C 331 38.57 -6.59 -16.13
CA ALA C 331 38.22 -5.87 -14.89
C ALA C 331 39.29 -6.07 -13.81
N SER C 332 39.83 -7.30 -13.71
CA SER C 332 40.88 -7.60 -12.75
C SER C 332 42.17 -6.83 -13.09
N ILE C 333 42.48 -6.68 -14.41
CA ILE C 333 43.65 -5.92 -14.87
C ILE C 333 43.49 -4.44 -14.50
N PHE C 334 42.28 -3.89 -14.73
CA PHE C 334 42.01 -2.48 -14.45
C PHE C 334 42.01 -2.17 -12.96
N ALA C 335 41.72 -3.17 -12.07
CA ALA C 335 41.83 -2.96 -10.62
C ALA C 335 43.32 -2.63 -10.36
N TRP C 336 44.22 -3.44 -10.96
CA TRP C 336 45.67 -3.23 -10.85
C TRP C 336 46.12 -1.89 -11.43
N THR C 337 45.66 -1.54 -12.65
CA THR C 337 46.05 -0.27 -13.30
C THR C 337 45.53 0.96 -12.59
N ARG C 338 44.25 0.93 -12.13
CA ARG C 338 43.69 2.09 -11.40
C ARG C 338 44.37 2.24 -10.07
N GLY C 339 44.74 1.13 -9.45
CA GLY C 339 45.47 1.14 -8.18
C GLY C 339 46.88 1.66 -8.37
N LEU C 340 47.59 1.17 -9.43
CA LEU C 340 48.97 1.62 -9.73
C LEU C 340 49.02 3.08 -10.17
N ALA C 341 48.00 3.57 -10.92
CA ALA C 341 47.90 4.98 -11.34
C ALA C 341 47.75 5.90 -10.14
N HIS C 342 46.96 5.46 -9.12
CA HIS C 342 46.78 6.29 -7.93
C HIS C 342 48.05 6.35 -7.09
N ARG C 343 48.76 5.20 -6.97
CA ARG C 343 50.04 5.05 -6.29
C ARG C 343 51.07 5.99 -6.97
N ALA C 344 51.05 6.06 -8.32
CA ALA C 344 51.93 6.91 -9.13
C ALA C 344 51.64 8.39 -8.87
N LYS C 345 50.34 8.76 -8.76
CA LYS C 345 49.86 10.13 -8.47
C LYS C 345 50.27 10.60 -7.08
N LEU C 346 50.32 9.69 -6.08
CA LEU C 346 50.71 10.02 -4.71
C LEU C 346 52.21 10.27 -4.60
N ASP C 347 53.00 9.42 -5.29
CA ASP C 347 54.46 9.39 -5.26
C ASP C 347 55.18 10.27 -6.31
N ASN C 348 54.43 10.79 -7.31
CA ASN C 348 54.95 11.54 -8.45
C ASN C 348 55.94 10.67 -9.23
N ASN C 349 55.47 9.46 -9.57
CA ASN C 349 56.21 8.43 -10.28
C ASN C 349 55.66 8.40 -11.71
N LYS C 350 56.36 9.12 -12.62
CA LYS C 350 55.99 9.27 -14.03
C LYS C 350 56.04 7.93 -14.79
N GLU C 351 57.00 7.06 -14.45
CA GLU C 351 57.18 5.75 -15.09
C GLU C 351 56.02 4.78 -14.75
N LEU C 352 55.65 4.72 -13.45
CA LEU C 352 54.54 3.89 -12.98
C LEU C 352 53.23 4.33 -13.62
N ALA C 353 52.99 5.67 -13.66
CA ALA C 353 51.83 6.31 -14.30
C ALA C 353 51.76 5.94 -15.77
N PHE C 354 52.92 5.98 -16.47
CA PHE C 354 53.00 5.62 -17.89
C PHE C 354 52.63 4.16 -18.06
N PHE C 355 53.21 3.27 -17.22
CA PHE C 355 52.94 1.84 -17.27
C PHE C 355 51.43 1.55 -17.08
N ALA C 356 50.83 2.14 -16.03
CA ALA C 356 49.41 1.97 -15.68
C ALA C 356 48.51 2.27 -16.88
N ASN C 357 48.75 3.41 -17.55
CA ASN C 357 48.00 3.81 -18.73
C ASN C 357 48.26 2.88 -19.91
N ALA C 358 49.55 2.52 -20.18
CA ALA C 358 49.97 1.63 -21.26
C ALA C 358 49.25 0.27 -21.20
N LEU C 359 49.16 -0.36 -20.01
CA LEU C 359 48.47 -1.64 -19.83
C LEU C 359 46.97 -1.53 -20.12
N GLU C 360 46.33 -0.39 -19.78
CA GLU C 360 44.91 -0.16 -20.10
C GLU C 360 44.72 -0.10 -21.63
N GLU C 361 45.58 0.68 -22.31
CA GLU C 361 45.63 0.86 -23.77
C GLU C 361 45.83 -0.49 -24.46
N VAL C 362 46.83 -1.30 -24.00
CA VAL C 362 47.12 -2.65 -24.53
C VAL C 362 45.88 -3.54 -24.44
N SER C 363 45.21 -3.53 -23.26
CA SER C 363 44.00 -4.33 -23.02
C SER C 363 42.92 -4.04 -24.05
N ILE C 364 42.62 -2.75 -24.25
CA ILE C 364 41.60 -2.29 -25.17
C ILE C 364 42.03 -2.54 -26.63
N GLU C 365 43.29 -2.21 -26.97
CA GLU C 365 43.82 -2.43 -28.33
C GLU C 365 43.78 -3.90 -28.77
N THR C 366 44.09 -4.85 -27.84
CA THR C 366 44.07 -6.31 -28.11
C THR C 366 42.68 -6.78 -28.49
N ILE C 367 41.64 -6.36 -27.72
CA ILE C 367 40.24 -6.73 -27.97
C ILE C 367 39.80 -6.09 -29.27
N GLU C 368 40.15 -4.78 -29.48
CA GLU C 368 39.81 -4.03 -30.69
C GLU C 368 40.43 -4.64 -31.98
N ALA C 369 41.56 -5.38 -31.84
CA ALA C 369 42.23 -6.05 -32.95
C ALA C 369 41.59 -7.43 -33.24
N GLY C 370 40.59 -7.80 -32.45
CA GLY C 370 39.87 -9.05 -32.65
C GLY C 370 40.36 -10.22 -31.82
N PHE C 371 41.26 -9.96 -30.84
CA PHE C 371 41.78 -11.00 -29.94
C PHE C 371 41.05 -10.89 -28.60
N MET C 372 40.20 -11.89 -28.29
CA MET C 372 39.36 -11.83 -27.11
C MET C 372 38.95 -13.20 -26.56
N THR C 373 38.30 -13.18 -25.37
CA THR C 373 37.76 -14.34 -24.68
C THR C 373 36.36 -14.69 -25.23
N LYS C 374 35.88 -15.95 -25.02
CA LYS C 374 34.60 -16.49 -25.51
C LYS C 374 33.36 -15.60 -25.24
N ASP C 375 33.32 -14.94 -24.06
CA ASP C 375 32.19 -14.05 -23.69
C ASP C 375 32.09 -12.83 -24.61
N LEU C 376 33.24 -12.17 -24.91
CA LEU C 376 33.28 -10.99 -25.79
C LEU C 376 32.97 -11.36 -27.23
N ALA C 377 33.44 -12.54 -27.68
CA ALA C 377 33.16 -13.08 -29.02
C ALA C 377 31.65 -13.34 -29.15
N ALA C 378 31.01 -13.86 -28.06
CA ALA C 378 29.56 -14.10 -28.02
C ALA C 378 28.78 -12.78 -28.05
N CYS C 379 29.38 -11.65 -27.56
CA CYS C 379 28.77 -10.31 -27.60
C CYS C 379 28.61 -9.85 -29.06
N ILE C 380 29.65 -10.08 -29.90
CA ILE C 380 29.68 -9.67 -31.31
C ILE C 380 28.87 -10.63 -32.22
N LYS C 381 29.19 -11.93 -32.16
CA LYS C 381 28.60 -12.97 -33.01
C LYS C 381 27.33 -13.66 -32.49
N GLY C 382 27.14 -13.67 -31.17
CA GLY C 382 26.05 -14.40 -30.55
C GLY C 382 26.55 -15.80 -30.25
N LEU C 383 26.40 -16.25 -28.97
CA LEU C 383 26.90 -17.54 -28.49
C LEU C 383 26.64 -18.76 -29.44
N PRO C 384 25.46 -18.99 -30.08
CA PRO C 384 25.33 -20.16 -30.97
C PRO C 384 26.24 -20.12 -32.20
N ASN C 385 26.56 -18.90 -32.70
CA ASN C 385 27.39 -18.64 -33.88
C ASN C 385 28.91 -18.54 -33.58
N VAL C 386 29.31 -18.80 -32.32
CA VAL C 386 30.71 -18.73 -31.88
C VAL C 386 31.41 -20.07 -32.15
N GLN C 387 32.55 -19.99 -32.83
CA GLN C 387 33.40 -21.14 -33.17
C GLN C 387 34.72 -21.00 -32.42
N ARG C 388 35.37 -22.13 -32.11
CA ARG C 388 36.64 -22.18 -31.36
C ARG C 388 37.70 -21.17 -31.89
N SER C 389 37.77 -20.96 -33.21
CA SER C 389 38.70 -20.03 -33.87
C SER C 389 38.40 -18.54 -33.56
N ASP C 390 37.15 -18.21 -33.13
CA ASP C 390 36.75 -16.83 -32.82
C ASP C 390 37.35 -16.27 -31.53
N TYR C 391 37.72 -17.13 -30.59
CA TYR C 391 38.24 -16.72 -29.28
C TYR C 391 39.53 -17.41 -28.86
N LEU C 392 40.19 -16.84 -27.82
CA LEU C 392 41.39 -17.36 -27.19
C LEU C 392 41.00 -17.87 -25.81
N ASN C 393 41.58 -19.00 -25.35
CA ASN C 393 41.30 -19.50 -24.00
C ASN C 393 41.97 -18.56 -22.97
N THR C 394 41.73 -18.78 -21.66
CA THR C 394 42.27 -17.90 -20.61
C THR C 394 43.81 -17.69 -20.72
N PHE C 395 44.56 -18.77 -20.95
CA PHE C 395 46.01 -18.69 -21.06
C PHE C 395 46.49 -18.05 -22.35
N GLU C 396 45.84 -18.39 -23.49
CA GLU C 396 46.16 -17.81 -24.81
C GLU C 396 45.96 -16.31 -24.79
N PHE C 397 44.82 -15.84 -24.19
CA PHE C 397 44.51 -14.42 -24.09
C PHE C 397 45.49 -13.67 -23.20
N MET C 398 45.85 -14.25 -22.04
CA MET C 398 46.81 -13.67 -21.10
C MET C 398 48.19 -13.55 -21.75
N ASP C 399 48.63 -14.62 -22.47
CA ASP C 399 49.88 -14.65 -23.24
C ASP C 399 49.86 -13.58 -24.33
N LYS C 400 48.71 -13.45 -25.06
CA LYS C 400 48.52 -12.45 -26.11
C LYS C 400 48.63 -11.01 -25.56
N LEU C 401 48.06 -10.75 -24.37
CA LEU C 401 48.15 -9.44 -23.73
C LEU C 401 49.58 -9.15 -23.27
N GLY C 402 50.26 -10.17 -22.76
CA GLY C 402 51.65 -10.10 -22.32
C GLY C 402 52.55 -9.79 -23.49
N GLU C 403 52.27 -10.45 -24.64
CA GLU C 403 52.96 -10.30 -25.93
C GLU C 403 52.88 -8.84 -26.39
N ASN C 404 51.66 -8.26 -26.48
CA ASN C 404 51.44 -6.86 -26.89
C ASN C 404 51.89 -5.86 -25.85
N LEU C 405 51.91 -6.24 -24.54
CA LEU C 405 52.39 -5.33 -23.48
C LEU C 405 53.92 -5.18 -23.61
N LYS C 406 54.61 -6.31 -23.88
CA LYS C 406 56.06 -6.32 -24.10
C LYS C 406 56.38 -5.38 -25.29
N ILE C 407 55.61 -5.48 -26.40
CA ILE C 407 55.74 -4.66 -27.61
C ILE C 407 55.53 -3.16 -27.31
N LYS C 408 54.37 -2.78 -26.70
CA LYS C 408 54.03 -1.40 -26.35
C LYS C 408 55.10 -0.74 -25.48
N LEU C 409 55.61 -1.46 -24.45
CA LEU C 409 56.64 -0.96 -23.54
C LEU C 409 58.02 -0.88 -24.21
N ALA C 410 58.34 -1.82 -25.11
CA ALA C 410 59.61 -1.79 -25.88
C ALA C 410 59.63 -0.50 -26.72
N GLN C 411 58.54 -0.26 -27.52
CA GLN C 411 58.33 0.93 -28.36
C GLN C 411 58.42 2.23 -27.58
N ALA C 412 57.90 2.24 -26.34
CA ALA C 412 57.92 3.41 -25.45
C ALA C 412 59.36 3.73 -25.00
N LYS C 413 60.18 2.69 -24.74
CA LYS C 413 61.58 2.84 -24.34
C LYS C 413 62.39 3.32 -25.58
N LEU C 414 62.16 2.70 -26.74
CA LEU C 414 62.83 3.00 -28.02
C LEU C 414 62.51 4.40 -28.54
N SER C 415 61.40 5.00 -28.07
CA SER C 415 60.91 6.33 -28.44
C SER C 415 61.64 7.44 -27.68
N LEU C 416 62.44 7.07 -26.67
CA LEU C 416 63.15 8.02 -25.82
C LEU C 416 64.35 8.66 -26.52
N GLU C 417 64.41 10.00 -26.44
CA GLU C 417 65.46 10.86 -27.01
C GLU C 417 66.80 10.64 -26.30
N HIS C 418 67.92 10.62 -27.06
CA HIS C 418 69.25 10.40 -26.52
C HIS C 418 69.86 11.71 -25.97
#